data_7VAF
#
_entry.id   7VAF
#
_cell.length_a   1.00
_cell.length_b   1.00
_cell.length_c   1.00
_cell.angle_alpha   90.00
_cell.angle_beta   90.00
_cell.angle_gamma   90.00
#
_symmetry.space_group_name_H-M   'P 1'
#
loop_
_entity.id
_entity.type
_entity.pdbx_description
1 polymer 'Fab heavy chain from antibody IgG clone number YN69202'
2 polymer 'Fab light chain from antibody IgG clone number YN69202'
3 polymer 'Sodium/bile acid cotransporter'
#
loop_
_entity_poly.entity_id
_entity_poly.type
_entity_poly.pdbx_seq_one_letter_code
_entity_poly.pdbx_strand_id
1 'polypeptide(L)'
;EVQLQQSGPELVKPGASVKMSCKASGYTFTSYIIHWVKQKPGQGLEWIGYINPYNDGTKYNEKFKGKGTLTSDKSSSTAY
MELSSLTSEDSAVYYCARSYYDGIPHYFDYWGQGTTLTVSSAKTTPPSVYPLAPGCGDTTGSSVTLGCLVKGYFPESVTV
TWNSGSLSSSVHTFPALLQSGLYTMSSSVTVPSSTWPSQTVTCSVAHPASSTTVDKKLEPSGPISTINPCPPCKECHKCP
APNLEGGPS
;
H
2 'polypeptide(L)'
;DIVMTQSPSSLAVSAGEKVTMSCKSSQSLFNSRTRRNYLAWYQQKPGQSPKLLIYWASTRESGVPDRFTGSGSGTDFTLT
ISSVQAEDLAVYYCKQSYYLLTFGAGTKLELKRADAAPTVSIFPPSSEQLTSGGASVVCFLNNFYPKDINVKWKIDGSER
QNGVLNSWTDQDSKDSTYSMSSTLTLTKDEYERHNSYTCEATHKTSTSPIVKSFNRNEC
;
L
3 'polypeptide(L)'
;MEVHNVSAPFNFSLPPGFGHRATDKALSIILVLMLLLIMLSLGCTMEFSKIKAHLWKPKGVIVALVAQFGIMPLAAFLLG
KIFHLSNIEALAILICGCSPGGNLSNLFTLAMKGDMNLSIVMTTCSSFSALGMMPLLLYVYSKGIYDGDLKDKVPYKGIM
ISLVIVLIPCTIGIVLKSKRPHYVPYILKGGMIITFLLSVAVTALSVINVGNSIMFVMTPHLLATSSLMPFSGFLMGYIL
SALFQLNPSCRRTISMETGFANIQLCSTILNVTFPPEVIGPLFFFPLLYMIFQLAEGLLIIIIFRCYEKIKPPKDQTKIT
ENLYFQGDYKDDDDKHHHHHHHH
;
A
#
# COMPACT_ATOMS: atom_id res chain seq x y z
N GLU A 1 2.72 12.71 -18.87
CA GLU A 1 2.61 11.27 -18.69
C GLU A 1 1.31 10.91 -17.99
N VAL A 2 1.40 10.61 -16.69
CA VAL A 2 0.26 10.24 -15.89
C VAL A 2 0.17 11.20 -14.70
N GLN A 3 -1.04 11.69 -14.44
CA GLN A 3 -1.28 12.61 -13.34
C GLN A 3 -2.56 12.21 -12.61
N LEU A 4 -2.61 12.56 -11.33
CA LEU A 4 -3.77 12.29 -10.49
C LEU A 4 -4.41 13.61 -10.10
N GLN A 5 -5.72 13.72 -10.31
CA GLN A 5 -6.46 14.93 -10.03
C GLN A 5 -7.28 14.75 -8.75
N GLN A 6 -7.18 15.72 -7.85
CA GLN A 6 -7.92 15.69 -6.59
C GLN A 6 -9.13 16.62 -6.66
N SER A 7 -10.13 16.32 -5.82
CA SER A 7 -11.38 17.08 -5.86
C SER A 7 -11.17 18.54 -5.46
N GLY A 8 -10.36 18.78 -4.43
CA GLY A 8 -10.14 20.12 -3.95
C GLY A 8 -10.46 20.25 -2.48
N PRO A 9 -9.97 21.32 -1.85
CA PRO A 9 -10.16 21.47 -0.40
C PRO A 9 -11.63 21.53 -0.03
N GLU A 10 -11.97 20.92 1.11
CA GLU A 10 -13.36 20.83 1.56
C GLU A 10 -13.44 21.15 3.04
N LEU A 11 -14.39 22.02 3.38
CA LEU A 11 -14.71 22.35 4.76
C LEU A 11 -16.06 21.74 5.11
N VAL A 12 -16.13 21.05 6.24
CA VAL A 12 -17.33 20.32 6.63
C VAL A 12 -17.53 20.44 8.13
N LYS A 13 -18.80 20.48 8.54
CA LYS A 13 -19.16 20.49 9.95
C LYS A 13 -18.80 19.15 10.59
N PRO A 14 -18.69 19.11 11.93
CA PRO A 14 -18.36 17.84 12.60
C PRO A 14 -19.41 16.76 12.43
N GLY A 15 -20.45 17.02 11.66
CA GLY A 15 -21.46 16.03 11.34
C GLY A 15 -21.01 14.97 10.35
N ALA A 16 -19.78 15.05 9.86
CA ALA A 16 -19.15 14.04 9.00
C ALA A 16 -19.92 14.00 7.67
N SER A 17 -20.06 12.83 7.05
CA SER A 17 -20.73 12.68 5.76
C SER A 17 -20.03 13.51 4.68
N VAL A 18 -18.77 13.14 4.40
CA VAL A 18 -17.96 13.80 3.39
C VAL A 18 -17.42 12.74 2.44
N LYS A 19 -17.17 13.16 1.20
CA LYS A 19 -16.63 12.27 0.17
C LYS A 19 -15.41 12.91 -0.46
N MET A 20 -14.41 12.09 -0.75
CA MET A 20 -13.14 12.54 -1.35
C MET A 20 -12.97 11.81 -2.67
N SER A 21 -12.61 12.55 -3.71
CA SER A 21 -12.51 11.99 -5.05
C SER A 21 -11.10 12.14 -5.59
N CYS A 22 -10.61 11.08 -6.25
CA CYS A 22 -9.32 11.11 -6.93
C CYS A 22 -9.48 10.48 -8.31
N LYS A 23 -9.22 11.28 -9.35
CA LYS A 23 -9.36 10.83 -10.72
C LYS A 23 -8.00 10.51 -11.32
N ALA A 24 -7.91 9.39 -12.03
CA ALA A 24 -6.66 8.92 -12.62
C ALA A 24 -6.95 8.50 -14.06
N SER A 25 -6.61 9.37 -15.02
CA SER A 25 -6.75 9.08 -16.44
C SER A 25 -5.42 9.40 -17.12
N GLY A 26 -4.49 8.46 -17.05
CA GLY A 26 -3.25 8.54 -17.80
C GLY A 26 -2.77 7.17 -18.23
N TYR A 27 -3.55 6.15 -17.93
CA TYR A 27 -3.13 4.76 -18.05
C TYR A 27 -4.37 3.89 -17.90
N THR A 28 -4.17 2.57 -17.86
CA THR A 28 -5.25 1.63 -17.63
C THR A 28 -5.57 1.57 -16.15
N PHE A 29 -6.79 1.97 -15.79
CA PHE A 29 -7.14 2.15 -14.38
C PHE A 29 -7.03 0.85 -13.60
N THR A 30 -7.50 -0.26 -14.18
CA THR A 30 -7.54 -1.52 -13.46
C THR A 30 -6.18 -2.16 -13.25
N SER A 31 -5.13 -1.67 -13.93
CA SER A 31 -3.83 -2.30 -13.82
C SER A 31 -3.12 -1.99 -12.51
N TYR A 32 -3.39 -0.82 -11.91
CA TYR A 32 -2.73 -0.40 -10.69
C TYR A 32 -3.76 -0.11 -9.60
N ILE A 33 -3.31 -0.20 -8.36
CA ILE A 33 -4.16 0.02 -7.20
C ILE A 33 -3.90 1.42 -6.65
N ILE A 34 -4.87 1.92 -5.89
CA ILE A 34 -4.84 3.30 -5.39
C ILE A 34 -4.81 3.28 -3.88
N HIS A 35 -3.80 3.94 -3.30
CA HIS A 35 -3.64 4.07 -1.86
C HIS A 35 -4.01 5.47 -1.42
N TRP A 36 -4.44 5.59 -0.16
CA TRP A 36 -4.78 6.88 0.43
C TRP A 36 -3.89 7.12 1.64
N VAL A 37 -3.28 8.30 1.70
CA VAL A 37 -2.33 8.65 2.75
C VAL A 37 -2.82 9.92 3.44
N LYS A 38 -2.85 9.89 4.77
CA LYS A 38 -3.26 11.03 5.58
C LYS A 38 -2.03 11.69 6.20
N GLN A 39 -2.00 13.02 6.17
CA GLN A 39 -0.91 13.78 6.76
C GLN A 39 -1.49 14.91 7.60
N LYS A 40 -1.23 14.87 8.90
CA LYS A 40 -1.53 15.98 9.77
C LYS A 40 -0.48 17.08 9.60
N PRO A 41 -0.82 18.33 9.89
CA PRO A 41 0.17 19.41 9.68
C PRO A 41 1.31 19.34 10.68
N GLY A 42 2.48 18.89 10.22
CA GLY A 42 3.64 18.79 11.06
C GLY A 42 3.81 17.48 11.80
N GLN A 43 3.07 16.43 11.41
CA GLN A 43 3.16 15.14 12.07
C GLN A 43 3.59 14.00 11.16
N GLY A 44 3.85 14.27 9.88
CA GLY A 44 4.31 13.26 8.97
C GLY A 44 3.18 12.49 8.31
N LEU A 45 3.56 11.63 7.36
CA LEU A 45 2.60 10.86 6.59
C LEU A 45 2.07 9.69 7.40
N GLU A 46 0.87 9.25 7.04
CA GLU A 46 0.23 8.11 7.69
C GLU A 46 -0.60 7.35 6.67
N TRP A 47 -0.46 6.04 6.65
CA TRP A 47 -1.17 5.20 5.69
C TRP A 47 -2.58 4.91 6.17
N ILE A 48 -3.51 4.79 5.22
CA ILE A 48 -4.90 4.51 5.53
C ILE A 48 -5.30 3.16 4.94
N GLY A 49 -5.20 3.05 3.62
CA GLY A 49 -5.57 1.81 2.95
C GLY A 49 -5.54 1.98 1.45
N TYR A 50 -5.62 0.84 0.77
CA TYR A 50 -5.62 0.83 -0.68
C TYR A 50 -6.82 0.06 -1.21
N ILE A 51 -7.12 0.32 -2.48
CA ILE A 51 -8.23 -0.30 -3.20
C ILE A 51 -7.75 -0.75 -4.57
N ASN A 52 -8.19 -1.95 -4.97
CA ASN A 52 -7.91 -2.48 -6.29
C ASN A 52 -9.12 -2.27 -7.17
N PRO A 53 -9.04 -1.39 -8.18
CA PRO A 53 -10.22 -1.13 -9.02
C PRO A 53 -10.68 -2.33 -9.84
N TYR A 54 -9.82 -3.34 -10.05
CA TYR A 54 -10.20 -4.46 -10.89
C TYR A 54 -11.20 -5.38 -10.19
N ASN A 55 -10.81 -5.95 -9.06
CA ASN A 55 -11.65 -6.88 -8.33
C ASN A 55 -12.36 -6.23 -7.14
N ASP A 56 -12.28 -4.91 -7.01
CA ASP A 56 -12.96 -4.16 -5.96
C ASP A 56 -12.55 -4.61 -4.56
N GLY A 57 -11.32 -5.07 -4.41
CA GLY A 57 -10.79 -5.46 -3.12
C GLY A 57 -10.13 -4.28 -2.43
N THR A 58 -10.41 -4.13 -1.13
CA THR A 58 -9.90 -3.04 -0.33
C THR A 58 -9.19 -3.59 0.90
N LYS A 59 -8.06 -2.97 1.24
CA LYS A 59 -7.33 -3.29 2.46
C LYS A 59 -7.17 -2.01 3.28
N TYR A 60 -7.49 -2.10 4.56
CA TYR A 60 -7.51 -0.94 5.45
C TYR A 60 -6.49 -1.11 6.56
N ASN A 61 -5.96 0.01 7.04
CA ASN A 61 -5.12 0.01 8.22
C ASN A 61 -5.97 -0.22 9.46
N GLU A 62 -5.32 -0.71 10.52
CA GLU A 62 -6.05 -1.03 11.75
C GLU A 62 -6.69 0.20 12.35
N LYS A 63 -6.01 1.34 12.30
CA LYS A 63 -6.55 2.55 12.90
C LYS A 63 -7.76 3.07 12.13
N PHE A 64 -7.75 2.93 10.80
CA PHE A 64 -8.78 3.50 9.94
C PHE A 64 -9.80 2.46 9.47
N LYS A 65 -9.82 1.28 10.07
CA LYS A 65 -10.78 0.26 9.66
C LYS A 65 -12.22 0.72 9.92
N GLY A 66 -12.46 1.33 11.08
CA GLY A 66 -13.82 1.71 11.43
C GLY A 66 -14.40 2.80 10.55
N LYS A 67 -13.59 3.81 10.22
CA LYS A 67 -14.08 4.99 9.52
C LYS A 67 -13.85 4.93 8.01
N GLY A 68 -12.73 4.39 7.56
CA GLY A 68 -12.41 4.41 6.14
C GLY A 68 -13.37 3.56 5.33
N THR A 69 -13.69 4.05 4.13
CA THR A 69 -14.53 3.30 3.19
C THR A 69 -14.12 3.70 1.78
N LEU A 70 -13.54 2.77 1.03
CA LEU A 70 -13.00 3.05 -0.30
C LEU A 70 -13.86 2.38 -1.36
N THR A 71 -14.22 3.14 -2.39
CA THR A 71 -14.97 2.64 -3.52
C THR A 71 -14.29 3.06 -4.81
N SER A 72 -14.56 2.35 -5.89
CA SER A 72 -13.95 2.61 -7.18
C SER A 72 -15.00 2.67 -8.26
N ASP A 73 -14.74 3.48 -9.29
CA ASP A 73 -15.60 3.60 -10.46
C ASP A 73 -14.73 3.41 -11.69
N LYS A 74 -14.96 2.31 -12.41
CA LYS A 74 -14.16 2.02 -13.61
C LYS A 74 -14.59 2.91 -14.77
N SER A 75 -15.88 3.20 -14.88
CA SER A 75 -16.36 4.05 -15.96
C SER A 75 -15.77 5.45 -15.88
N SER A 76 -15.71 6.01 -14.67
CA SER A 76 -15.10 7.32 -14.46
C SER A 76 -13.61 7.21 -14.12
N SER A 77 -13.10 6.01 -13.92
CA SER A 77 -11.70 5.80 -13.54
C SER A 77 -11.33 6.62 -12.30
N THR A 78 -12.19 6.55 -11.29
CA THR A 78 -12.05 7.37 -10.10
C THR A 78 -12.09 6.51 -8.84
N ALA A 79 -11.50 7.05 -7.78
CA ALA A 79 -11.51 6.42 -6.47
C ALA A 79 -12.15 7.38 -5.47
N TYR A 80 -13.11 6.87 -4.72
CA TYR A 80 -13.86 7.66 -3.74
C TYR A 80 -13.58 7.14 -2.34
N MET A 81 -13.46 8.06 -1.39
CA MET A 81 -13.22 7.74 0.01
C MET A 81 -14.26 8.42 0.88
N GLU A 82 -14.86 7.66 1.79
CA GLU A 82 -15.84 8.17 2.74
C GLU A 82 -15.43 7.76 4.14
N LEU A 83 -15.54 8.70 5.07
CA LEU A 83 -15.18 8.48 6.46
C LEU A 83 -16.38 8.37 7.40
N SER A 84 -17.39 9.21 7.21
CA SER A 84 -18.64 9.20 7.96
C SER A 84 -18.45 9.38 9.46
N SER A 85 -17.25 9.79 9.90
CA SER A 85 -17.01 10.05 11.31
C SER A 85 -15.85 11.03 11.40
N LEU A 86 -16.16 12.31 11.65
CA LEU A 86 -15.16 13.36 11.66
C LEU A 86 -15.24 14.13 12.98
N THR A 87 -14.08 14.54 13.48
CA THR A 87 -13.96 15.35 14.68
C THR A 87 -13.08 16.56 14.36
N SER A 88 -12.88 17.41 15.37
CA SER A 88 -12.05 18.61 15.18
C SER A 88 -10.60 18.26 14.88
N GLU A 89 -10.15 17.07 15.24
CA GLU A 89 -8.77 16.65 15.00
C GLU A 89 -8.60 15.90 13.68
N ASP A 90 -9.65 15.77 12.88
CA ASP A 90 -9.59 15.03 11.63
C ASP A 90 -9.20 15.90 10.44
N SER A 91 -9.02 17.20 10.64
CA SER A 91 -8.61 18.07 9.54
C SER A 91 -7.16 17.79 9.17
N ALA A 92 -6.92 17.46 7.90
CA ALA A 92 -5.59 17.04 7.46
C ALA A 92 -5.56 17.05 5.95
N VAL A 93 -4.41 16.68 5.38
CA VAL A 93 -4.22 16.62 3.94
C VAL A 93 -4.20 15.16 3.52
N TYR A 94 -5.05 14.82 2.55
CA TYR A 94 -5.18 13.46 2.06
C TYR A 94 -4.65 13.37 0.64
N TYR A 95 -3.75 12.42 0.39
CA TYR A 95 -3.16 12.19 -0.91
C TYR A 95 -3.60 10.84 -1.45
N CYS A 96 -3.85 10.78 -2.75
CA CYS A 96 -4.10 9.53 -3.44
C CYS A 96 -2.89 9.18 -4.29
N ALA A 97 -2.43 7.95 -4.17
CA ALA A 97 -1.22 7.50 -4.85
C ALA A 97 -1.52 6.24 -5.65
N ARG A 98 -0.76 6.06 -6.74
CA ARG A 98 -0.90 4.91 -7.62
C ARG A 98 0.26 3.97 -7.42
N SER A 99 -0.02 2.67 -7.31
CA SER A 99 1.05 1.69 -7.15
C SER A 99 0.74 0.42 -7.92
N TYR A 100 1.80 -0.25 -8.35
CA TYR A 100 1.68 -1.56 -8.98
C TYR A 100 1.36 -2.61 -7.92
N TYR A 101 0.72 -3.69 -8.36
CA TYR A 101 0.29 -4.74 -7.43
C TYR A 101 0.37 -6.09 -8.16
N ASP A 102 1.51 -6.76 -8.01
CA ASP A 102 1.62 -8.13 -8.51
C ASP A 102 1.07 -9.11 -7.49
N GLY A 103 1.68 -9.17 -6.31
CA GLY A 103 1.10 -9.86 -5.18
C GLY A 103 1.12 -8.98 -3.95
N ILE A 104 1.97 -7.96 -3.97
CA ILE A 104 2.17 -7.03 -2.87
C ILE A 104 2.40 -5.65 -3.47
N PRO A 105 1.80 -4.59 -2.93
CA PRO A 105 2.06 -3.24 -3.48
C PRO A 105 3.54 -2.89 -3.38
N HIS A 106 4.07 -2.37 -4.50
CA HIS A 106 5.50 -2.12 -4.58
C HIS A 106 5.88 -0.78 -3.95
N TYR A 107 5.40 0.32 -4.54
CA TYR A 107 5.77 1.66 -4.10
C TYR A 107 4.86 2.65 -4.80
N PHE A 108 4.76 3.85 -4.22
CA PHE A 108 3.91 4.90 -4.77
C PHE A 108 4.76 5.74 -5.72
N ASP A 109 4.74 5.37 -7.00
CA ASP A 109 5.53 6.09 -7.99
C ASP A 109 4.87 7.37 -8.46
N TYR A 110 3.57 7.54 -8.19
CA TYR A 110 2.86 8.76 -8.57
C TYR A 110 1.85 9.11 -7.50
N TRP A 111 1.77 10.40 -7.19
CA TRP A 111 0.92 10.91 -6.12
C TRP A 111 -0.02 11.98 -6.67
N GLY A 112 -1.13 12.17 -5.95
CA GLY A 112 -2.05 13.25 -6.27
C GLY A 112 -1.57 14.58 -5.73
N GLN A 113 -2.29 15.63 -6.11
CA GLN A 113 -1.92 16.98 -5.65
C GLN A 113 -2.21 17.19 -4.18
N GLY A 114 -3.11 16.40 -3.59
CA GLY A 114 -3.43 16.54 -2.18
C GLY A 114 -4.66 17.39 -1.94
N THR A 115 -5.55 16.91 -1.07
CA THR A 115 -6.79 17.61 -0.75
C THR A 115 -6.81 17.94 0.74
N THR A 116 -7.06 19.20 1.07
CA THR A 116 -7.12 19.65 2.45
C THR A 116 -8.55 19.54 2.95
N LEU A 117 -8.75 18.77 4.02
CA LEU A 117 -10.06 18.59 4.63
C LEU A 117 -10.06 19.27 5.99
N THR A 118 -11.01 20.18 6.20
CA THR A 118 -11.15 20.91 7.45
C THR A 118 -12.48 20.56 8.10
N VAL A 119 -12.45 20.28 9.39
CA VAL A 119 -13.64 19.92 10.16
C VAL A 119 -13.72 20.88 11.35
N SER A 120 -14.79 21.68 11.39
CA SER A 120 -14.98 22.67 12.45
C SER A 120 -16.42 23.16 12.38
N SER A 121 -16.77 24.06 13.30
CA SER A 121 -18.12 24.61 13.38
C SER A 121 -18.37 25.70 12.35
N ALA A 122 -17.36 26.10 11.59
CA ALA A 122 -17.49 27.12 10.54
C ALA A 122 -17.91 28.43 11.19
N LYS A 123 -19.02 29.05 10.79
CA LYS A 123 -19.48 30.32 11.35
C LYS A 123 -18.41 31.41 11.19
N THR A 124 -18.12 31.73 9.94
CA THR A 124 -17.10 32.72 9.62
C THR A 124 -17.46 34.07 10.23
N THR A 125 -16.48 34.72 10.83
CA THR A 125 -16.66 36.02 11.45
C THR A 125 -15.59 36.99 10.96
N PRO A 126 -15.95 38.26 10.81
CA PRO A 126 -14.95 39.27 10.41
C PRO A 126 -13.80 39.33 11.40
N PRO A 127 -12.57 39.47 10.92
CA PRO A 127 -11.42 39.57 11.81
C PRO A 127 -11.34 40.94 12.48
N SER A 128 -10.63 40.97 13.61
CA SER A 128 -10.37 42.19 14.36
C SER A 128 -8.88 42.37 14.49
N VAL A 129 -8.40 43.58 14.19
CA VAL A 129 -6.97 43.88 14.13
C VAL A 129 -6.63 44.79 15.30
N TYR A 130 -5.65 44.36 16.11
CA TYR A 130 -5.15 45.14 17.24
C TYR A 130 -3.67 45.41 17.03
N PRO A 131 -3.25 46.67 16.90
CA PRO A 131 -1.82 46.96 16.72
C PRO A 131 -1.04 46.79 18.01
N LEU A 132 0.28 46.72 17.86
CA LEU A 132 1.20 46.57 18.97
C LEU A 132 2.18 47.74 18.93
N ALA A 133 2.24 48.51 20.02
CA ALA A 133 3.06 49.71 20.05
C ALA A 133 3.81 49.80 21.37
N PRO A 134 5.12 50.03 21.34
CA PRO A 134 5.88 50.22 22.59
C PRO A 134 5.82 51.66 23.07
N GLY A 135 6.59 51.98 24.10
CA GLY A 135 6.66 53.34 24.60
C GLY A 135 6.31 53.48 26.06
N CYS A 136 6.44 52.40 26.82
CA CYS A 136 6.20 52.42 28.26
C CYS A 136 7.48 52.71 29.03
N GLY A 137 8.14 53.81 28.69
CA GLY A 137 9.39 54.20 29.32
C GLY A 137 10.63 53.57 28.72
N ASP A 138 10.49 52.70 27.72
CA ASP A 138 11.63 52.06 27.10
C ASP A 138 12.41 53.06 26.24
N THR A 139 13.72 52.82 26.12
CA THR A 139 14.59 53.67 25.32
C THR A 139 14.64 53.25 23.86
N THR A 140 13.98 52.14 23.49
CA THR A 140 13.93 51.62 22.12
C THR A 140 15.37 51.39 21.67
N GLY A 141 15.78 51.91 20.51
CA GLY A 141 17.14 51.67 20.04
C GLY A 141 17.30 52.16 18.61
N SER A 142 18.32 51.63 17.94
CA SER A 142 18.54 51.99 16.55
C SER A 142 17.38 51.55 15.66
N SER A 143 16.86 50.35 15.89
CA SER A 143 15.73 49.82 15.13
C SER A 143 14.63 49.40 16.08
N VAL A 144 13.39 49.71 15.72
CA VAL A 144 12.22 49.37 16.52
C VAL A 144 11.30 48.50 15.69
N THR A 145 10.72 47.48 16.34
CA THR A 145 9.84 46.54 15.67
C THR A 145 8.38 46.87 15.98
N LEU A 146 7.50 46.46 15.06
CA LEU A 146 6.08 46.79 15.15
C LEU A 146 5.28 45.66 14.49
N GLY A 147 3.99 45.65 14.76
CA GLY A 147 3.11 44.65 14.17
C GLY A 147 1.67 44.93 14.55
N CYS A 148 0.78 44.12 13.98
CA CYS A 148 -0.65 44.19 14.28
C CYS A 148 -1.21 42.78 14.26
N LEU A 149 -1.67 42.31 15.42
CA LEU A 149 -2.21 40.98 15.54
C LEU A 149 -3.68 40.96 15.11
N VAL A 150 -4.15 39.78 14.71
CA VAL A 150 -5.51 39.61 14.22
C VAL A 150 -6.18 38.48 14.98
N LYS A 151 -7.44 38.68 15.36
CA LYS A 151 -8.20 37.71 16.13
C LYS A 151 -9.58 37.52 15.51
N GLY A 152 -10.17 36.37 15.81
CA GLY A 152 -11.55 36.10 15.43
C GLY A 152 -11.84 35.99 13.95
N TYR A 153 -10.98 35.30 13.21
CA TYR A 153 -11.24 34.99 11.80
C TYR A 153 -11.25 33.48 11.64
N PHE A 154 -12.27 32.97 10.97
CA PHE A 154 -12.39 31.52 10.81
C PHE A 154 -11.45 30.95 9.75
N PRO A 155 -11.54 31.37 8.49
CA PRO A 155 -10.78 30.67 7.44
C PRO A 155 -9.33 31.12 7.38
N GLU A 156 -8.50 30.27 6.78
CA GLU A 156 -7.07 30.51 6.68
C GLU A 156 -6.72 31.57 5.65
N SER A 157 -7.62 31.88 4.72
CA SER A 157 -7.34 32.80 3.62
C SER A 157 -7.31 34.23 4.17
N VAL A 158 -6.20 34.56 4.82
CA VAL A 158 -5.97 35.90 5.35
C VAL A 158 -4.53 36.29 5.06
N THR A 159 -4.31 37.54 4.67
CA THR A 159 -2.98 38.05 4.37
C THR A 159 -2.77 39.37 5.08
N VAL A 160 -1.52 39.64 5.44
CA VAL A 160 -1.12 40.87 6.11
C VAL A 160 -0.04 41.54 5.27
N THR A 161 -0.22 42.82 4.97
CA THR A 161 0.70 43.56 4.13
C THR A 161 1.04 44.89 4.77
N TRP A 162 2.19 45.44 4.39
CA TRP A 162 2.70 46.72 4.89
C TRP A 162 3.01 47.59 3.68
N ASN A 163 2.01 48.33 3.20
CA ASN A 163 2.23 49.21 2.06
C ASN A 163 3.22 50.31 2.41
N SER A 164 3.10 50.90 3.60
CA SER A 164 4.00 51.95 4.06
C SER A 164 5.17 51.42 4.87
N GLY A 165 5.26 50.11 5.06
CA GLY A 165 6.31 49.50 5.85
C GLY A 165 7.55 49.17 5.04
N SER A 166 8.31 48.19 5.52
CA SER A 166 9.54 47.76 4.87
C SER A 166 9.30 46.74 3.77
N LEU A 167 8.06 46.36 3.52
CA LEU A 167 7.68 45.42 2.44
C LEU A 167 8.34 44.07 2.75
N SER A 168 8.89 43.40 1.73
CA SER A 168 9.46 42.07 1.93
C SER A 168 10.75 42.08 2.74
N SER A 169 11.37 43.24 2.94
CA SER A 169 12.61 43.32 3.68
C SER A 169 12.33 43.35 5.18
N SER A 170 12.90 42.40 5.91
CA SER A 170 12.77 42.30 7.37
C SER A 170 11.30 42.23 7.79
N VAL A 171 10.62 41.21 7.28
CA VAL A 171 9.22 40.94 7.62
C VAL A 171 9.10 39.49 8.06
N HIS A 172 8.37 39.25 9.15
CA HIS A 172 8.15 37.91 9.68
C HIS A 172 6.65 37.69 9.83
N THR A 173 6.14 36.64 9.20
CA THR A 173 4.72 36.29 9.25
C THR A 173 4.58 34.95 9.93
N PHE A 174 4.11 34.96 11.18
CA PHE A 174 3.99 33.73 11.95
C PHE A 174 2.72 32.99 11.53
N PRO A 175 2.82 31.72 11.11
CA PRO A 175 1.63 30.98 10.70
C PRO A 175 0.68 30.77 11.88
N ALA A 176 -0.61 30.71 11.57
CA ALA A 176 -1.65 30.55 12.57
C ALA A 176 -1.88 29.07 12.87
N LEU A 177 -2.16 28.78 14.14
CA LEU A 177 -2.48 27.44 14.59
C LEU A 177 -3.77 27.47 15.39
N LEU A 178 -4.61 26.46 15.20
CA LEU A 178 -5.96 26.47 15.74
C LEU A 178 -5.94 26.47 17.26
N GLN A 179 -6.78 27.32 17.86
CA GLN A 179 -6.92 27.36 19.31
C GLN A 179 -8.25 28.01 19.64
N SER A 180 -9.03 27.36 20.52
CA SER A 180 -10.33 27.87 20.97
C SER A 180 -11.25 28.15 19.78
N GLY A 181 -11.20 27.27 18.77
CA GLY A 181 -12.05 27.42 17.62
C GLY A 181 -11.49 28.33 16.55
N LEU A 182 -11.27 29.60 16.90
CA LEU A 182 -10.77 30.61 15.96
C LEU A 182 -9.31 30.87 16.24
N TYR A 183 -8.47 30.70 15.22
CA TYR A 183 -7.02 30.84 15.37
C TYR A 183 -6.57 32.24 14.97
N THR A 184 -5.34 32.56 15.37
CA THR A 184 -4.75 33.89 15.20
C THR A 184 -3.34 33.76 14.65
N MET A 185 -2.91 34.79 13.93
CA MET A 185 -1.53 34.89 13.43
C MET A 185 -0.96 36.24 13.82
N SER A 186 0.28 36.48 13.44
CA SER A 186 0.95 37.72 13.77
C SER A 186 1.95 38.07 12.67
N SER A 187 2.27 39.37 12.58
CA SER A 187 3.27 39.87 11.66
C SER A 187 4.16 40.88 12.37
N SER A 188 5.44 40.88 12.00
CA SER A 188 6.42 41.75 12.63
C SER A 188 7.31 42.37 11.57
N VAL A 189 7.47 43.69 11.62
CA VAL A 189 8.36 44.43 10.73
C VAL A 189 9.19 45.39 11.57
N THR A 190 10.48 45.48 11.28
CA THR A 190 11.39 46.36 11.99
C THR A 190 11.80 47.53 11.09
N VAL A 191 11.81 48.73 11.67
CA VAL A 191 12.18 49.94 10.93
C VAL A 191 13.11 50.78 11.78
N PRO A 192 13.97 51.57 11.12
CA PRO A 192 14.85 52.48 11.88
C PRO A 192 14.04 53.47 12.71
N SER A 193 14.53 53.74 13.92
CA SER A 193 13.81 54.63 14.82
C SER A 193 13.89 56.08 14.36
N SER A 194 15.00 56.48 13.72
CA SER A 194 15.15 57.86 13.28
C SER A 194 14.14 58.21 12.21
N THR A 195 13.88 57.31 11.27
CA THR A 195 12.98 57.56 10.16
C THR A 195 11.55 57.14 10.43
N TRP A 196 11.23 56.65 11.63
CA TRP A 196 9.88 56.19 11.91
C TRP A 196 8.90 57.36 12.09
N PRO A 197 9.18 58.38 12.92
CA PRO A 197 8.23 59.50 13.01
C PRO A 197 8.01 60.22 11.69
N SER A 198 9.03 60.28 10.82
CA SER A 198 8.89 61.00 9.55
C SER A 198 7.85 60.35 8.65
N GLN A 199 7.84 59.01 8.57
CA GLN A 199 6.94 58.28 7.70
C GLN A 199 6.10 57.34 8.56
N THR A 200 4.80 57.61 8.63
CA THR A 200 3.89 56.76 9.37
C THR A 200 3.77 55.39 8.71
N VAL A 201 3.60 54.36 9.53
CA VAL A 201 3.51 52.98 9.07
C VAL A 201 2.06 52.51 9.23
N THR A 202 1.54 51.86 8.18
CA THR A 202 0.18 51.34 8.18
C THR A 202 0.22 49.86 7.79
N CYS A 203 -0.57 49.05 8.47
CA CYS A 203 -0.68 47.64 8.17
C CYS A 203 -2.10 47.33 7.70
N SER A 204 -2.20 46.52 6.64
CA SER A 204 -3.47 46.18 6.03
C SER A 204 -3.69 44.67 6.12
N VAL A 205 -4.92 44.27 6.42
CA VAL A 205 -5.30 42.88 6.50
C VAL A 205 -6.34 42.61 5.42
N ALA A 206 -6.02 41.69 4.51
CA ALA A 206 -6.91 41.31 3.42
C ALA A 206 -7.50 39.94 3.72
N HIS A 207 -8.82 39.83 3.63
CA HIS A 207 -9.55 38.61 3.95
C HIS A 207 -10.45 38.28 2.76
N PRO A 208 -9.89 37.66 1.72
CA PRO A 208 -10.69 37.38 0.51
C PRO A 208 -11.91 36.51 0.78
N ALA A 209 -11.83 35.62 1.78
CA ALA A 209 -12.99 34.79 2.12
C ALA A 209 -14.16 35.60 2.68
N SER A 210 -13.93 36.85 3.07
CA SER A 210 -14.99 37.73 3.54
C SER A 210 -14.98 39.02 2.75
N SER A 211 -15.76 40.01 3.20
CA SER A 211 -15.88 41.30 2.53
C SER A 211 -15.27 42.42 3.36
N THR A 212 -14.11 42.15 3.97
CA THR A 212 -13.42 43.14 4.79
C THR A 212 -12.00 43.33 4.28
N THR A 213 -11.57 44.59 4.22
CA THR A 213 -10.21 44.95 3.82
C THR A 213 -9.69 46.01 4.79
N VAL A 214 -9.83 45.72 6.08
CA VAL A 214 -9.52 46.72 7.10
C VAL A 214 -8.01 46.96 7.17
N ASP A 215 -7.63 48.23 7.27
CA ASP A 215 -6.25 48.63 7.46
C ASP A 215 -6.19 49.70 8.54
N LYS A 216 -5.04 49.82 9.19
CA LYS A 216 -4.91 50.78 10.26
C LYS A 216 -3.45 51.12 10.52
N LYS A 217 -3.25 52.25 11.19
CA LYS A 217 -1.92 52.74 11.56
C LYS A 217 -1.82 52.81 13.07
N LEU A 218 -0.74 52.25 13.61
CA LEU A 218 -0.53 52.26 15.05
C LEU A 218 -0.03 53.63 15.52
N GLU A 219 -0.22 53.90 16.81
CA GLU A 219 0.20 55.15 17.42
C GLU A 219 1.06 54.85 18.64
N PRO A 220 2.21 55.52 18.79
CA PRO A 220 3.04 55.27 19.97
C PRO A 220 2.35 55.71 21.25
N SER A 221 2.67 55.02 22.34
CA SER A 221 2.09 55.32 23.65
C SER A 221 2.64 56.64 24.19
N ASP B 1 3.19 -5.97 13.76
CA ASP B 1 3.42 -4.92 12.78
C ASP B 1 4.88 -4.49 12.77
N ILE B 2 5.23 -3.60 11.84
CA ILE B 2 6.58 -3.10 11.68
C ILE B 2 6.56 -1.59 11.86
N VAL B 3 7.44 -1.08 12.72
CA VAL B 3 7.57 0.35 12.97
C VAL B 3 8.97 0.79 12.55
N MET B 4 9.04 1.95 11.91
CA MET B 4 10.29 2.51 11.41
C MET B 4 10.66 3.72 12.25
N THR B 5 11.91 3.75 12.73
CA THR B 5 12.43 4.85 13.52
C THR B 5 13.68 5.40 12.85
N GLN B 6 13.67 6.71 12.58
CA GLN B 6 14.79 7.39 11.96
C GLN B 6 15.60 8.08 13.05
N SER B 7 16.92 7.85 13.05
CA SER B 7 17.75 8.31 14.17
C SER B 7 17.88 9.82 14.23
N PRO B 8 18.46 10.51 13.22
CA PRO B 8 18.74 11.94 13.40
C PRO B 8 17.49 12.80 13.47
N SER B 9 16.62 12.69 12.46
CA SER B 9 15.36 13.41 12.32
C SER B 9 15.55 14.91 12.13
N SER B 10 16.78 15.42 12.22
CA SER B 10 17.06 16.84 12.02
C SER B 10 18.56 17.07 11.86
N LEU B 11 18.96 17.72 10.77
CA LEU B 11 20.37 18.03 10.56
C LEU B 11 20.47 19.15 9.54
N ALA B 12 21.58 19.88 9.60
CA ALA B 12 21.84 21.00 8.71
C ALA B 12 23.21 20.84 8.06
N VAL B 13 23.25 20.97 6.73
CA VAL B 13 24.48 20.88 5.96
C VAL B 13 24.53 22.05 4.99
N SER B 14 25.69 22.69 4.90
CA SER B 14 25.77 23.96 4.18
C SER B 14 25.93 23.78 2.67
N ALA B 15 27.08 23.26 2.23
CA ALA B 15 27.39 23.23 0.81
C ALA B 15 27.64 21.83 0.27
N GLY B 16 28.61 21.09 0.82
CA GLY B 16 29.05 19.86 0.20
C GLY B 16 29.08 18.64 1.08
N GLU B 17 29.11 18.83 2.39
CA GLU B 17 29.28 17.70 3.31
C GLU B 17 28.10 16.73 3.19
N LYS B 18 28.42 15.45 3.19
CA LYS B 18 27.44 14.41 2.95
C LYS B 18 26.51 14.22 4.15
N VAL B 19 25.32 13.70 3.88
CA VAL B 19 24.32 13.40 4.90
C VAL B 19 24.09 11.89 4.90
N THR B 20 23.67 11.37 6.06
CA THR B 20 23.33 9.96 6.21
C THR B 20 22.00 9.87 6.97
N MET B 21 20.95 9.45 6.28
CA MET B 21 19.65 9.21 6.91
C MET B 21 19.43 7.71 7.02
N SER B 22 19.20 7.23 8.23
CA SER B 22 19.08 5.80 8.49
C SER B 22 17.84 5.53 9.32
N CYS B 23 17.06 4.53 8.91
CA CYS B 23 15.95 4.00 9.68
C CYS B 23 16.12 2.50 9.81
N LYS B 24 16.10 2.01 11.04
CA LYS B 24 16.45 0.61 11.32
C LYS B 24 15.26 -0.33 11.28
N SER B 25 14.04 0.18 11.09
CA SER B 25 12.83 -0.64 11.00
C SER B 25 12.69 -1.47 12.28
N SER B 26 12.02 -2.62 12.19
CA SER B 26 11.82 -3.51 13.33
C SER B 26 12.53 -4.85 13.13
N GLN B 27 12.23 -5.55 12.03
CA GLN B 27 12.80 -6.86 11.75
C GLN B 27 13.33 -6.88 10.33
N SER B 28 13.91 -8.00 9.94
CA SER B 28 14.51 -8.15 8.62
C SER B 28 13.39 -8.20 7.57
N LEU B 29 13.15 -7.07 6.92
CA LEU B 29 12.14 -6.98 5.87
C LEU B 29 12.72 -7.24 4.48
N PHE B 30 13.45 -8.34 4.37
CA PHE B 30 14.04 -8.79 3.12
C PHE B 30 13.38 -10.09 2.69
N ASN B 31 12.87 -10.12 1.47
CA ASN B 31 12.19 -11.29 0.95
C ASN B 31 13.21 -12.36 0.56
N SER B 32 13.03 -13.57 1.10
CA SER B 32 13.95 -14.65 0.79
C SER B 32 13.73 -15.20 -0.61
N ARG B 33 12.47 -15.27 -1.04
CA ARG B 33 12.17 -15.82 -2.36
C ARG B 33 12.72 -14.91 -3.47
N THR B 34 12.45 -13.62 -3.40
CA THR B 34 12.92 -12.65 -4.38
C THR B 34 13.82 -11.64 -3.68
N ARG B 35 15.01 -11.42 -4.22
CA ARG B 35 15.97 -10.49 -3.63
C ARG B 35 15.57 -9.05 -3.97
N ARG B 36 14.40 -8.66 -3.48
CA ARG B 36 13.84 -7.34 -3.76
C ARG B 36 14.12 -6.33 -2.66
N ASN B 37 14.10 -6.75 -1.39
CA ASN B 37 14.39 -5.88 -0.26
C ASN B 37 13.43 -4.69 -0.23
N TYR B 38 12.15 -5.01 0.01
CA TYR B 38 11.07 -4.03 -0.07
C TYR B 38 11.30 -2.85 0.86
N LEU B 39 11.57 -1.68 0.26
CA LEU B 39 11.75 -0.43 0.98
C LEU B 39 11.80 0.70 -0.04
N ALA B 40 11.20 1.85 0.31
CA ALA B 40 11.15 2.97 -0.59
C ALA B 40 11.49 4.25 0.16
N TRP B 41 12.37 5.06 -0.44
CA TRP B 41 12.75 6.36 0.10
C TRP B 41 12.06 7.45 -0.72
N TYR B 42 11.29 8.30 -0.05
CA TYR B 42 10.54 9.38 -0.66
C TYR B 42 11.08 10.74 -0.22
N GLN B 43 10.67 11.77 -0.95
CA GLN B 43 11.03 13.14 -0.64
C GLN B 43 9.77 14.00 -0.68
N GLN B 44 9.60 14.86 0.32
CA GLN B 44 8.40 15.69 0.44
C GLN B 44 8.84 17.14 0.69
N LYS B 45 8.92 17.93 -0.36
CA LYS B 45 9.22 19.34 -0.22
C LYS B 45 8.04 20.07 0.42
N PRO B 46 8.29 21.15 1.16
CA PRO B 46 7.19 21.87 1.80
C PRO B 46 6.19 22.40 0.78
N GLY B 47 4.90 22.30 1.13
CA GLY B 47 3.85 22.73 0.23
C GLY B 47 3.79 21.95 -1.06
N GLN B 48 4.12 20.66 -1.03
CA GLN B 48 4.14 19.84 -2.23
C GLN B 48 3.84 18.40 -1.85
N SER B 49 3.38 17.64 -2.85
CA SER B 49 3.12 16.23 -2.64
C SER B 49 4.43 15.46 -2.53
N PRO B 50 4.43 14.33 -1.82
CA PRO B 50 5.67 13.54 -1.72
C PRO B 50 6.12 13.03 -3.08
N LYS B 51 7.43 12.97 -3.26
CA LYS B 51 8.04 12.52 -4.51
C LYS B 51 8.89 11.29 -4.24
N LEU B 52 8.72 10.26 -5.07
CA LEU B 52 9.49 9.04 -4.89
C LEU B 52 10.92 9.25 -5.37
N LEU B 53 11.88 8.80 -4.56
CA LEU B 53 13.30 8.88 -4.89
C LEU B 53 13.91 7.53 -5.20
N ILE B 54 13.78 6.57 -4.29
CA ILE B 54 14.46 5.28 -4.40
C ILE B 54 13.46 4.18 -4.11
N TYR B 55 13.47 3.13 -4.95
CA TYR B 55 12.65 1.95 -4.71
C TYR B 55 13.53 0.71 -4.66
N TRP B 56 13.10 -0.27 -3.87
CA TRP B 56 13.87 -1.47 -3.52
C TRP B 56 15.16 -1.13 -2.75
N ALA B 57 15.25 0.09 -2.21
CA ALA B 57 16.30 0.56 -1.33
C ALA B 57 17.68 0.65 -2.01
N SER B 58 17.79 0.30 -3.28
CA SER B 58 19.09 0.36 -3.96
C SER B 58 18.98 1.05 -5.31
N THR B 59 17.80 0.99 -5.92
CA THR B 59 17.58 1.55 -7.25
C THR B 59 16.82 2.85 -7.16
N ARG B 60 17.25 3.84 -7.95
CA ARG B 60 16.65 5.17 -7.95
C ARG B 60 15.72 5.33 -9.13
N GLU B 61 14.64 6.08 -8.92
CA GLU B 61 13.69 6.37 -9.98
C GLU B 61 14.34 7.24 -11.05
N SER B 62 14.00 6.97 -12.31
CA SER B 62 14.58 7.72 -13.41
C SER B 62 14.19 9.19 -13.33
N GLY B 63 15.17 10.07 -13.57
CA GLY B 63 14.95 11.50 -13.54
C GLY B 63 15.45 12.20 -12.30
N VAL B 64 15.71 11.46 -11.22
CA VAL B 64 16.21 12.06 -9.99
C VAL B 64 17.70 12.33 -10.16
N PRO B 65 18.28 13.28 -9.42
CA PRO B 65 19.71 13.53 -9.54
C PRO B 65 20.53 12.32 -9.08
N ASP B 66 21.70 12.16 -9.69
CA ASP B 66 22.57 11.02 -9.37
C ASP B 66 23.22 11.14 -8.00
N ARG B 67 23.10 12.29 -7.34
CA ARG B 67 23.71 12.45 -6.02
C ARG B 67 23.01 11.60 -4.97
N PHE B 68 21.71 11.37 -5.12
CA PHE B 68 20.96 10.56 -4.17
C PHE B 68 21.32 9.09 -4.35
N THR B 69 21.83 8.45 -3.30
CA THR B 69 22.16 7.04 -3.36
C THR B 69 21.76 6.35 -2.06
N GLY B 70 21.15 5.18 -2.19
CA GLY B 70 20.70 4.43 -1.04
C GLY B 70 21.26 3.02 -1.00
N SER B 71 21.74 2.61 0.18
CA SER B 71 22.31 1.28 0.34
C SER B 71 21.87 0.70 1.67
N GLY B 72 21.46 -0.55 1.67
CA GLY B 72 21.04 -1.19 2.90
C GLY B 72 20.51 -2.58 2.64
N SER B 73 20.36 -3.31 3.74
CA SER B 73 19.84 -4.68 3.69
C SER B 73 19.34 -5.05 5.08
N GLY B 74 18.57 -6.13 5.13
CA GLY B 74 18.05 -6.62 6.38
C GLY B 74 17.23 -5.58 7.12
N THR B 75 17.79 -5.05 8.21
CA THR B 75 17.15 -4.00 8.97
C THR B 75 17.84 -2.64 8.82
N ASP B 76 19.08 -2.60 8.34
CA ASP B 76 19.86 -1.37 8.33
C ASP B 76 19.90 -0.80 6.92
N PHE B 77 19.49 0.46 6.78
CA PHE B 77 19.47 1.15 5.50
C PHE B 77 20.00 2.56 5.68
N THR B 78 20.59 3.10 4.62
CA THR B 78 21.14 4.46 4.64
C THR B 78 20.86 5.13 3.31
N LEU B 79 20.51 6.41 3.39
CA LEU B 79 20.39 7.29 2.22
C LEU B 79 21.39 8.42 2.36
N THR B 80 22.19 8.62 1.32
CA THR B 80 23.26 9.61 1.35
C THR B 80 23.24 10.43 0.07
N ILE B 81 23.71 11.67 0.19
CA ILE B 81 23.85 12.58 -0.94
C ILE B 81 25.30 13.01 -1.03
N SER B 82 25.90 12.88 -2.21
CA SER B 82 27.30 13.24 -2.39
C SER B 82 27.50 14.73 -2.19
N SER B 83 26.65 15.55 -2.79
CA SER B 83 26.70 17.00 -2.64
C SER B 83 25.28 17.52 -2.42
N VAL B 84 25.06 18.21 -1.31
CA VAL B 84 23.74 18.69 -0.95
C VAL B 84 23.53 20.06 -1.59
N GLN B 85 22.47 20.18 -2.39
CA GLN B 85 22.11 21.44 -3.03
C GLN B 85 21.01 22.13 -2.24
N ALA B 86 20.70 23.36 -2.65
CA ALA B 86 19.63 24.12 -2.00
C ALA B 86 18.26 23.53 -2.27
N GLU B 87 18.13 22.66 -3.28
CA GLU B 87 16.85 22.06 -3.64
C GLU B 87 16.62 20.72 -2.96
N ASP B 88 17.54 20.27 -2.11
CA ASP B 88 17.41 18.99 -1.42
C ASP B 88 16.87 19.13 0.00
N LEU B 89 16.42 20.31 0.38
CA LEU B 89 15.87 20.55 1.72
C LEU B 89 14.42 20.10 1.73
N ALA B 90 14.16 18.92 2.29
CA ALA B 90 12.82 18.36 2.34
C ALA B 90 12.77 17.35 3.48
N VAL B 91 11.72 16.53 3.51
CA VAL B 91 11.52 15.52 4.54
C VAL B 91 11.48 14.15 3.88
N TYR B 92 12.24 13.21 4.43
CA TYR B 92 12.35 11.86 3.90
C TYR B 92 11.81 10.86 4.91
N TYR B 93 11.05 9.87 4.44
CA TYR B 93 10.29 9.00 5.31
C TYR B 93 10.70 7.53 5.28
N CYS B 94 11.38 7.07 4.24
CA CYS B 94 11.80 5.67 4.07
C CYS B 94 10.65 4.70 4.37
N LYS B 95 9.60 4.80 3.56
CA LYS B 95 8.44 3.93 3.69
C LYS B 95 8.80 2.48 3.37
N GLN B 96 8.06 1.56 3.98
CA GLN B 96 8.25 0.13 3.77
C GLN B 96 6.93 -0.51 3.35
N SER B 97 7.02 -1.60 2.60
CA SER B 97 5.84 -2.32 2.13
C SER B 97 6.03 -3.83 2.20
N TYR B 98 6.90 -4.31 3.10
CA TYR B 98 7.17 -5.74 3.19
C TYR B 98 5.93 -6.49 3.68
N TYR B 99 5.33 -6.04 4.79
CA TYR B 99 4.14 -6.65 5.34
C TYR B 99 2.94 -5.72 5.28
N LEU B 100 3.07 -4.52 5.82
CA LEU B 100 2.00 -3.53 5.79
C LEU B 100 2.61 -2.17 5.53
N LEU B 101 1.85 -1.29 4.87
CA LEU B 101 2.34 0.01 4.46
C LEU B 101 2.47 0.90 5.70
N THR B 102 3.70 1.16 6.12
CA THR B 102 3.98 2.05 7.24
C THR B 102 5.07 3.04 6.85
N PHE B 103 4.91 4.29 7.28
CA PHE B 103 5.87 5.34 7.01
C PHE B 103 6.72 5.62 8.24
N GLY B 104 7.88 6.24 8.00
CA GLY B 104 8.78 6.61 9.06
C GLY B 104 8.42 7.94 9.69
N ALA B 105 9.16 8.29 10.75
CA ALA B 105 8.92 9.55 11.43
C ALA B 105 9.22 10.75 10.54
N GLY B 106 10.31 10.68 9.78
CA GLY B 106 10.68 11.76 8.88
C GLY B 106 11.93 12.48 9.36
N THR B 107 12.79 12.83 8.41
CA THR B 107 14.02 13.56 8.68
C THR B 107 13.98 14.90 7.97
N LYS B 108 14.21 15.98 8.73
CA LYS B 108 14.15 17.33 8.21
C LYS B 108 15.57 17.87 7.99
N LEU B 109 15.79 18.47 6.84
CA LEU B 109 17.09 19.03 6.47
C LEU B 109 17.02 20.55 6.49
N GLU B 110 18.03 21.18 7.09
CA GLU B 110 18.10 22.63 7.16
C GLU B 110 19.42 23.13 6.61
N LEU B 111 19.67 24.44 6.75
CA LEU B 111 20.91 25.06 6.29
C LEU B 111 21.66 25.60 7.49
N LYS B 112 22.94 25.22 7.60
CA LYS B 112 23.72 25.57 8.77
C LYS B 112 24.05 27.06 8.79
N ARG B 113 24.21 27.59 10.00
CA ARG B 113 24.58 28.98 10.21
C ARG B 113 25.66 29.06 11.27
N ALA B 114 26.43 30.16 11.25
CA ALA B 114 27.51 30.34 12.20
C ALA B 114 26.99 30.42 13.63
N ASP B 115 26.17 31.42 13.93
CA ASP B 115 25.64 31.60 15.27
C ASP B 115 24.29 32.31 15.15
N ALA B 116 23.73 32.71 16.29
CA ALA B 116 22.45 33.38 16.34
C ALA B 116 22.53 34.60 17.24
N ALA B 117 21.78 35.64 16.89
CA ALA B 117 21.68 36.86 17.68
C ALA B 117 20.20 37.21 17.86
N PRO B 118 19.50 36.46 18.70
CA PRO B 118 18.06 36.72 18.88
C PRO B 118 17.81 38.06 19.56
N THR B 119 16.70 38.69 19.19
CA THR B 119 16.27 39.94 19.79
C THR B 119 14.88 39.75 20.38
N VAL B 120 14.67 40.33 21.56
CA VAL B 120 13.44 40.17 22.33
C VAL B 120 12.54 41.37 22.09
N SER B 121 11.26 41.12 21.83
CA SER B 121 10.29 42.20 21.72
C SER B 121 9.06 41.82 22.54
N ILE B 122 8.57 42.77 23.34
CA ILE B 122 7.41 42.55 24.20
C ILE B 122 6.43 43.70 23.99
N PHE B 123 5.14 43.37 23.93
CA PHE B 123 4.10 44.37 23.72
C PHE B 123 2.85 44.02 24.50
N PRO B 124 2.24 45.00 25.15
CA PRO B 124 1.02 44.74 25.92
C PRO B 124 -0.22 44.95 25.06
N PRO B 125 -1.38 44.51 25.52
CA PRO B 125 -2.62 44.72 24.75
C PRO B 125 -2.96 46.20 24.63
N SER B 126 -3.63 46.54 23.53
CA SER B 126 -4.01 47.91 23.26
C SER B 126 -5.28 48.27 24.03
N SER B 127 -5.69 49.53 23.93
CA SER B 127 -6.87 50.00 24.66
C SER B 127 -8.14 49.34 24.15
N GLU B 128 -8.29 49.23 22.82
CA GLU B 128 -9.51 48.63 22.27
C GLU B 128 -9.60 47.15 22.60
N GLN B 129 -8.46 46.48 22.78
CA GLN B 129 -8.49 45.10 23.25
C GLN B 129 -9.03 45.03 24.68
N LEU B 130 -8.60 45.95 25.53
CA LEU B 130 -9.12 45.98 26.89
C LEU B 130 -10.62 46.27 26.91
N THR B 131 -11.07 47.21 26.07
CA THR B 131 -12.50 47.49 25.97
C THR B 131 -13.28 46.35 25.34
N SER B 132 -12.60 45.44 24.65
CA SER B 132 -13.27 44.32 24.01
C SER B 132 -13.58 43.17 24.96
N GLY B 133 -13.14 43.25 26.20
CA GLY B 133 -13.40 42.21 27.18
C GLY B 133 -12.26 41.26 27.45
N GLY B 134 -11.08 41.50 26.88
CA GLY B 134 -9.94 40.63 27.11
C GLY B 134 -8.62 41.36 27.04
N ALA B 135 -7.52 40.62 27.09
CA ALA B 135 -6.19 41.21 26.98
C ALA B 135 -5.24 40.16 26.43
N SER B 136 -4.27 40.61 25.65
CA SER B 136 -3.30 39.72 25.02
C SER B 136 -1.94 40.39 25.02
N VAL B 137 -0.97 39.77 25.68
CA VAL B 137 0.40 40.26 25.71
C VAL B 137 1.25 39.36 24.80
N VAL B 138 2.04 39.98 23.94
CA VAL B 138 2.72 39.26 22.86
C VAL B 138 4.22 39.53 22.96
N CYS B 139 5.02 38.47 23.00
CA CYS B 139 6.47 38.59 22.96
C CYS B 139 7.00 37.72 21.84
N PHE B 140 7.89 38.27 21.03
CA PHE B 140 8.48 37.51 19.94
C PHE B 140 9.99 37.69 19.90
N LEU B 141 10.64 36.61 19.44
CA LEU B 141 12.09 36.52 19.37
C LEU B 141 12.49 36.49 17.90
N ASN B 142 13.42 37.35 17.52
CA ASN B 142 13.78 37.54 16.12
C ASN B 142 15.22 37.11 15.87
N ASN B 143 15.44 36.49 14.72
CA ASN B 143 16.78 36.16 14.21
C ASN B 143 17.55 35.25 15.17
N PHE B 144 17.02 34.04 15.35
CA PHE B 144 17.73 32.97 16.05
C PHE B 144 17.74 31.74 15.15
N TYR B 145 18.93 31.19 14.92
CA TYR B 145 19.10 30.06 14.03
C TYR B 145 18.66 28.73 14.67
N PRO B 146 19.23 28.32 15.81
CA PRO B 146 18.91 26.98 16.33
C PRO B 146 17.46 26.88 16.78
N LYS B 147 16.93 25.66 16.68
CA LYS B 147 15.54 25.40 17.06
C LYS B 147 15.36 25.34 18.57
N ASP B 148 16.33 24.79 19.30
CA ASP B 148 16.19 24.59 20.73
C ASP B 148 16.23 25.94 21.44
N ILE B 149 15.06 26.41 21.86
CA ILE B 149 14.94 27.67 22.58
C ILE B 149 13.65 27.63 23.38
N ASN B 150 13.67 28.23 24.57
CA ASN B 150 12.53 28.17 25.48
C ASN B 150 12.16 29.57 25.95
N VAL B 151 10.89 29.73 26.33
CA VAL B 151 10.38 30.99 26.84
C VAL B 151 9.71 30.73 28.18
N LYS B 152 9.66 31.78 29.01
CA LYS B 152 9.06 31.69 30.33
C LYS B 152 8.47 33.03 30.71
N TRP B 153 7.40 32.99 31.49
CA TRP B 153 6.69 34.19 31.94
C TRP B 153 6.73 34.25 33.47
N LYS B 154 7.33 35.31 34.00
CA LYS B 154 7.37 35.56 35.43
C LYS B 154 6.37 36.67 35.74
N ILE B 155 5.33 36.35 36.48
CA ILE B 155 4.29 37.30 36.86
C ILE B 155 4.37 37.49 38.37
N ASP B 156 4.76 38.70 38.79
CA ASP B 156 4.93 39.02 40.20
C ASP B 156 5.88 38.04 40.89
N GLY B 157 6.91 37.63 40.16
CA GLY B 157 7.87 36.67 40.67
C GLY B 157 7.38 35.24 40.69
N SER B 158 6.24 34.95 40.08
CA SER B 158 5.66 33.62 40.07
C SER B 158 5.65 33.05 38.66
N GLU B 159 5.91 31.76 38.54
CA GLU B 159 5.94 31.07 37.26
C GLU B 159 4.54 30.54 36.96
N ARG B 160 3.84 31.16 36.01
CA ARG B 160 2.48 30.76 35.67
C ARG B 160 2.46 29.76 34.52
N GLN B 161 2.94 30.17 33.34
CA GLN B 161 3.03 29.30 32.16
C GLN B 161 1.69 28.63 31.85
N ASN B 162 0.62 29.40 31.95
CA ASN B 162 -0.74 28.91 31.72
C ASN B 162 -1.39 29.68 30.59
N GLY B 163 -2.01 28.96 29.66
CA GLY B 163 -2.70 29.59 28.55
C GLY B 163 -1.80 30.37 27.60
N VAL B 164 -0.64 29.82 27.28
CA VAL B 164 0.30 30.47 26.37
C VAL B 164 0.25 29.74 25.04
N LEU B 165 0.50 30.48 23.96
CA LEU B 165 0.49 29.94 22.61
C LEU B 165 1.78 30.32 21.91
N ASN B 166 2.37 29.37 21.18
CA ASN B 166 3.65 29.57 20.52
C ASN B 166 3.53 29.26 19.03
N SER B 167 4.32 29.98 18.23
CA SER B 167 4.35 29.78 16.79
C SER B 167 5.77 30.01 16.29
N TRP B 168 6.13 29.28 15.24
CA TRP B 168 7.48 29.33 14.68
C TRP B 168 7.43 29.74 13.22
N THR B 169 8.51 30.39 12.78
CA THR B 169 8.66 30.79 11.39
C THR B 169 9.24 29.62 10.59
N ASP B 170 8.97 29.62 9.28
CA ASP B 170 9.31 28.50 8.41
C ASP B 170 10.64 28.68 7.69
N GLN B 171 11.60 29.36 8.33
CA GLN B 171 12.97 29.49 7.81
C GLN B 171 12.99 30.12 6.42
N ASP B 172 12.62 31.40 6.39
CA ASP B 172 12.57 32.17 5.15
C ASP B 172 13.86 32.01 4.36
N SER B 173 13.73 32.08 3.03
CA SER B 173 14.86 31.82 2.14
C SER B 173 15.92 32.92 2.17
N LYS B 174 15.62 34.09 2.74
CA LYS B 174 16.61 35.16 2.80
C LYS B 174 17.81 34.75 3.64
N ASP B 175 17.57 34.11 4.77
CA ASP B 175 18.65 33.60 5.63
C ASP B 175 18.11 32.45 6.45
N SER B 176 19.01 31.53 6.83
CA SER B 176 18.60 30.33 7.53
C SER B 176 17.99 30.60 8.91
N THR B 177 18.19 31.80 9.46
CA THR B 177 17.58 32.14 10.72
C THR B 177 16.07 32.38 10.55
N TYR B 178 15.36 32.32 11.67
CA TYR B 178 13.92 32.52 11.68
C TYR B 178 13.48 32.98 13.06
N SER B 179 12.23 33.43 13.14
CA SER B 179 11.69 34.03 14.34
C SER B 179 10.65 33.12 15.00
N MET B 180 10.28 33.48 16.22
CA MET B 180 9.27 32.78 17.00
C MET B 180 8.38 33.80 17.69
N SER B 181 7.11 33.46 17.88
CA SER B 181 6.17 34.34 18.53
C SER B 181 5.46 33.60 19.65
N SER B 182 5.07 34.33 20.70
CA SER B 182 4.34 33.77 21.82
C SER B 182 3.31 34.78 22.30
N THR B 183 2.11 34.29 22.59
CA THR B 183 0.99 35.12 23.01
C THR B 183 0.41 34.57 24.31
N LEU B 184 0.00 35.48 25.19
CA LEU B 184 -0.68 35.12 26.42
C LEU B 184 -1.98 35.91 26.50
N THR B 185 -3.10 35.20 26.60
CA THR B 185 -4.42 35.81 26.59
C THR B 185 -5.08 35.62 27.96
N LEU B 186 -5.52 36.73 28.56
CA LEU B 186 -6.17 36.72 29.86
C LEU B 186 -7.43 37.56 29.83
N THR B 187 -8.44 37.11 30.57
CA THR B 187 -9.67 37.87 30.69
C THR B 187 -9.44 39.14 31.53
N LYS B 188 -10.45 40.00 31.56
CA LYS B 188 -10.37 41.23 32.32
C LYS B 188 -10.47 40.95 33.81
N ASP B 189 -10.46 42.02 34.61
CA ASP B 189 -10.51 42.01 36.07
C ASP B 189 -9.27 41.40 36.69
N GLU B 190 -8.30 40.96 35.90
CA GLU B 190 -7.06 40.41 36.44
C GLU B 190 -5.80 40.92 35.74
N TYR B 191 -5.91 41.59 34.59
CA TYR B 191 -4.73 42.09 33.90
C TYR B 191 -4.04 43.17 34.73
N GLU B 192 -4.81 44.09 35.31
CA GLU B 192 -4.24 45.14 36.13
C GLU B 192 -3.93 44.69 37.55
N ARG B 193 -4.43 43.53 37.98
CA ARG B 193 -4.17 43.06 39.33
C ARG B 193 -2.75 42.52 39.49
N HIS B 194 -2.16 41.99 38.42
CA HIS B 194 -0.86 41.34 38.50
C HIS B 194 0.28 42.22 37.99
N ASN B 195 0.10 42.85 36.84
CA ASN B 195 1.13 43.69 36.20
C ASN B 195 2.35 42.80 35.92
N SER B 196 3.55 43.37 36.03
CA SER B 196 4.80 42.65 35.81
C SER B 196 4.86 42.04 34.41
N TYR B 197 4.49 40.77 34.29
CA TYR B 197 4.51 40.04 33.01
C TYR B 197 5.92 40.05 32.40
N THR B 198 6.93 39.83 33.25
CA THR B 198 8.30 39.74 32.77
C THR B 198 8.48 38.51 31.89
N CYS B 199 9.25 38.66 30.82
CA CYS B 199 9.53 37.58 29.89
C CYS B 199 10.99 37.16 30.00
N GLU B 200 11.23 35.86 29.82
CA GLU B 200 12.59 35.32 29.83
C GLU B 200 12.74 34.36 28.65
N ALA B 201 13.87 34.46 27.96
CA ALA B 201 14.18 33.61 26.82
C ALA B 201 15.50 32.89 27.10
N THR B 202 15.46 31.56 27.01
CA THR B 202 16.64 30.73 27.23
C THR B 202 17.06 30.12 25.90
N HIS B 203 18.29 30.39 25.50
CA HIS B 203 18.85 29.89 24.25
C HIS B 203 20.28 29.41 24.51
N LYS B 204 20.75 28.49 23.68
CA LYS B 204 22.06 27.89 23.90
C LYS B 204 23.20 28.85 23.56
N THR B 205 22.94 29.92 22.82
CA THR B 205 24.00 30.83 22.42
C THR B 205 24.50 31.68 23.58
N SER B 206 23.74 31.77 24.67
CA SER B 206 24.13 32.55 25.84
C SER B 206 23.82 31.76 27.09
N THR B 207 24.78 31.70 28.01
CA THR B 207 24.57 31.00 29.27
C THR B 207 23.48 31.67 30.10
N SER B 208 23.50 33.01 30.15
CA SER B 208 22.50 33.76 30.90
C SER B 208 21.28 34.02 30.02
N PRO B 209 20.09 33.58 30.42
CA PRO B 209 18.90 33.86 29.62
C PRO B 209 18.59 35.35 29.58
N ILE B 210 18.01 35.78 28.47
CA ILE B 210 17.69 37.19 28.28
C ILE B 210 16.35 37.48 28.94
N VAL B 211 16.34 38.44 29.86
CA VAL B 211 15.16 38.76 30.65
C VAL B 211 14.74 40.20 30.33
N LYS B 212 13.47 40.39 29.99
CA LYS B 212 12.92 41.70 29.70
C LYS B 212 11.71 41.93 30.60
N SER B 213 11.74 43.00 31.37
CA SER B 213 10.68 43.31 32.33
C SER B 213 9.71 44.32 31.73
N PHE B 214 8.47 44.28 32.23
CA PHE B 214 7.42 45.20 31.80
C PHE B 214 6.75 45.80 33.03
N ASN B 215 6.33 47.05 32.91
CA ASN B 215 5.70 47.77 34.00
C ASN B 215 4.41 48.42 33.52
N ARG B 216 3.48 48.62 34.45
CA ARG B 216 2.18 49.22 34.17
C ARG B 216 1.43 48.46 33.08
N PRO C 16 -0.09 -10.36 -26.98
CA PRO C 16 -1.28 -10.85 -26.29
C PRO C 16 -2.38 -11.30 -27.25
N GLY C 17 -3.40 -11.98 -26.73
CA GLY C 17 -4.49 -12.45 -27.55
C GLY C 17 -5.57 -11.39 -27.74
N PHE C 18 -5.61 -10.78 -28.93
CA PHE C 18 -6.61 -9.75 -29.20
C PHE C 18 -8.02 -10.34 -29.23
N GLY C 19 -8.17 -11.54 -29.79
CA GLY C 19 -9.47 -12.17 -29.89
C GLY C 19 -9.51 -13.55 -29.28
N HIS C 20 -10.48 -13.80 -28.41
CA HIS C 20 -10.67 -15.09 -27.75
C HIS C 20 -11.96 -15.77 -28.16
N ARG C 21 -12.55 -15.35 -29.28
CA ARG C 21 -13.80 -15.91 -29.78
C ARG C 21 -13.58 -16.91 -30.91
N ALA C 22 -12.35 -17.35 -31.13
CA ALA C 22 -12.04 -18.31 -32.19
C ALA C 22 -12.51 -19.69 -31.76
N THR C 23 -13.83 -19.90 -31.90
CA THR C 23 -14.47 -21.18 -31.58
C THR C 23 -14.18 -21.61 -30.14
N ASP C 24 -14.20 -20.66 -29.22
CA ASP C 24 -13.99 -20.98 -27.81
C ASP C 24 -15.13 -21.84 -27.27
N LYS C 25 -16.38 -21.47 -27.58
CA LYS C 25 -17.50 -22.28 -27.15
C LYS C 25 -17.51 -23.64 -27.84
N ALA C 26 -17.11 -23.67 -29.13
CA ALA C 26 -17.00 -24.94 -29.82
C ALA C 26 -15.95 -25.83 -29.18
N LEU C 27 -14.80 -25.25 -28.80
CA LEU C 27 -13.78 -26.01 -28.09
C LEU C 27 -14.31 -26.53 -26.76
N SER C 28 -15.02 -25.69 -26.01
CA SER C 28 -15.55 -26.12 -24.73
C SER C 28 -16.51 -27.29 -24.91
N ILE C 29 -17.40 -27.20 -25.90
CA ILE C 29 -18.40 -28.25 -26.08
C ILE C 29 -17.75 -29.53 -26.61
N ILE C 30 -16.73 -29.41 -27.46
CA ILE C 30 -16.11 -30.62 -28.01
C ILE C 30 -15.31 -31.35 -26.94
N LEU C 31 -14.60 -30.61 -26.08
CA LEU C 31 -13.95 -31.28 -24.95
C LEU C 31 -14.96 -31.84 -23.96
N VAL C 32 -16.10 -31.16 -23.76
CA VAL C 32 -17.12 -31.70 -22.87
C VAL C 32 -17.63 -33.04 -23.40
N LEU C 33 -17.91 -33.10 -24.71
CA LEU C 33 -18.35 -34.35 -25.32
C LEU C 33 -17.26 -35.42 -25.22
N MET C 34 -16.00 -35.04 -25.43
CA MET C 34 -14.90 -35.99 -25.28
C MET C 34 -14.87 -36.58 -23.88
N LEU C 35 -14.94 -35.73 -22.87
CA LEU C 35 -14.92 -36.20 -21.49
C LEU C 35 -16.11 -37.11 -21.19
N LEU C 36 -17.31 -36.74 -21.64
CA LEU C 36 -18.49 -37.56 -21.39
C LEU C 36 -18.33 -38.94 -22.04
N LEU C 37 -17.94 -38.97 -23.31
CA LEU C 37 -17.84 -40.25 -24.02
C LEU C 37 -16.75 -41.13 -23.42
N ILE C 38 -15.58 -40.54 -23.12
CA ILE C 38 -14.50 -41.38 -22.61
C ILE C 38 -14.79 -41.81 -21.17
N MET C 39 -15.53 -40.99 -20.41
CA MET C 39 -15.97 -41.43 -19.09
C MET C 39 -16.92 -42.61 -19.19
N LEU C 40 -17.85 -42.56 -20.14
CA LEU C 40 -18.75 -43.70 -20.34
C LEU C 40 -17.96 -44.96 -20.71
N SER C 41 -17.02 -44.83 -21.65
CA SER C 41 -16.24 -45.98 -22.07
C SER C 41 -15.38 -46.52 -20.94
N LEU C 42 -14.80 -45.63 -20.13
CA LEU C 42 -13.94 -46.05 -19.03
C LEU C 42 -14.75 -46.72 -17.93
N GLY C 43 -15.91 -46.17 -17.58
CA GLY C 43 -16.74 -46.81 -16.57
C GLY C 43 -17.46 -48.05 -17.04
N CYS C 44 -17.49 -48.28 -18.36
CA CYS C 44 -18.15 -49.46 -18.91
C CYS C 44 -17.33 -50.74 -18.76
N THR C 45 -16.17 -50.69 -18.10
CA THR C 45 -15.29 -51.86 -18.01
C THR C 45 -14.71 -52.01 -16.62
N MET C 46 -15.50 -51.70 -15.59
CA MET C 46 -15.01 -51.82 -14.21
C MET C 46 -16.17 -51.97 -13.26
N GLU C 47 -15.94 -52.72 -12.18
CA GLU C 47 -17.00 -53.22 -11.31
C GLU C 47 -17.35 -52.19 -10.24
N PHE C 48 -18.13 -52.62 -9.25
CA PHE C 48 -18.64 -51.74 -8.21
C PHE C 48 -18.31 -52.31 -6.83
N SER C 49 -18.24 -53.65 -6.73
CA SER C 49 -18.00 -54.28 -5.44
C SER C 49 -16.64 -53.88 -4.86
N LYS C 50 -15.63 -53.77 -5.72
CA LYS C 50 -14.32 -53.34 -5.24
C LYS C 50 -14.34 -51.92 -4.70
N ILE C 51 -15.20 -51.07 -5.26
CA ILE C 51 -15.37 -49.73 -4.69
C ILE C 51 -15.92 -49.80 -3.28
N LYS C 52 -16.92 -50.67 -3.07
CA LYS C 52 -17.47 -50.84 -1.72
C LYS C 52 -16.41 -51.37 -0.77
N ALA C 53 -15.58 -52.30 -1.25
CA ALA C 53 -14.48 -52.80 -0.42
C ALA C 53 -13.50 -51.69 -0.06
N HIS C 54 -13.18 -50.82 -1.03
CA HIS C 54 -12.27 -49.71 -0.75
C HIS C 54 -12.86 -48.74 0.26
N LEU C 55 -14.16 -48.43 0.14
CA LEU C 55 -14.80 -47.56 1.12
C LEU C 55 -14.82 -48.19 2.50
N TRP C 56 -15.10 -49.49 2.58
CA TRP C 56 -15.17 -50.15 3.88
C TRP C 56 -13.81 -50.23 4.55
N LYS C 57 -12.74 -50.36 3.77
CA LYS C 57 -11.37 -50.43 4.29
C LYS C 57 -10.56 -49.36 3.55
N PRO C 58 -10.62 -48.11 4.02
CA PRO C 58 -9.84 -47.04 3.38
C PRO C 58 -8.41 -47.03 3.87
N LYS C 59 -7.49 -47.44 3.01
CA LYS C 59 -6.07 -47.38 3.30
C LYS C 59 -5.28 -46.56 2.29
N GLY C 60 -5.56 -46.73 0.99
CA GLY C 60 -4.88 -45.93 -0.01
C GLY C 60 -5.47 -44.54 -0.17
N VAL C 61 -6.76 -44.39 0.14
CA VAL C 61 -7.39 -43.08 0.01
C VAL C 61 -6.77 -42.08 0.99
N ILE C 62 -6.57 -42.51 2.24
CA ILE C 62 -6.03 -41.61 3.26
C ILE C 62 -4.62 -41.17 2.90
N VAL C 63 -3.77 -42.13 2.50
CA VAL C 63 -2.39 -41.80 2.18
C VAL C 63 -2.32 -40.94 0.92
N ALA C 64 -3.19 -41.21 -0.06
CA ALA C 64 -3.22 -40.39 -1.26
C ALA C 64 -3.64 -38.96 -0.93
N LEU C 65 -4.66 -38.79 -0.08
CA LEU C 65 -5.10 -37.46 0.28
C LEU C 65 -4.03 -36.70 1.05
N VAL C 66 -3.35 -37.37 1.99
CA VAL C 66 -2.32 -36.67 2.75
C VAL C 66 -1.14 -36.32 1.87
N ALA C 67 -0.79 -37.19 0.90
CA ALA C 67 0.27 -36.86 -0.03
C ALA C 67 -0.11 -35.69 -0.94
N GLN C 68 -1.37 -35.65 -1.36
CA GLN C 68 -1.81 -34.60 -2.28
C GLN C 68 -1.91 -33.25 -1.57
N PHE C 69 -2.41 -33.23 -0.34
CA PHE C 69 -2.68 -31.98 0.36
C PHE C 69 -1.67 -31.67 1.45
N GLY C 70 -0.57 -32.42 1.53
CA GLY C 70 0.44 -32.13 2.53
C GLY C 70 1.85 -32.09 1.98
N ILE C 71 2.02 -32.58 0.75
CA ILE C 71 3.33 -32.62 0.10
C ILE C 71 3.35 -31.77 -1.16
N MET C 72 2.33 -31.90 -2.00
CA MET C 72 2.26 -31.10 -3.23
C MET C 72 2.28 -29.60 -2.96
N PRO C 73 1.46 -29.06 -2.05
CA PRO C 73 1.63 -27.63 -1.71
C PRO C 73 2.99 -27.32 -1.12
N LEU C 74 3.51 -28.22 -0.28
CA LEU C 74 4.85 -28.02 0.28
C LEU C 74 5.91 -28.06 -0.82
N ALA C 75 5.77 -28.99 -1.77
CA ALA C 75 6.70 -29.05 -2.89
C ALA C 75 6.65 -27.79 -3.72
N ALA C 76 5.45 -27.27 -3.98
CA ALA C 76 5.32 -26.02 -4.74
C ALA C 76 5.95 -24.86 -3.99
N PHE C 77 5.73 -24.78 -2.68
CA PHE C 77 6.31 -23.70 -1.88
C PHE C 77 7.84 -23.77 -1.90
N LEU C 78 8.39 -24.97 -1.71
CA LEU C 78 9.85 -25.12 -1.72
C LEU C 78 10.42 -24.79 -3.09
N LEU C 79 9.76 -25.23 -4.17
CA LEU C 79 10.25 -24.93 -5.50
C LEU C 79 10.20 -23.43 -5.78
N GLY C 80 9.13 -22.77 -5.36
CA GLY C 80 9.06 -21.33 -5.54
C GLY C 80 10.14 -20.59 -4.76
N LYS C 81 10.43 -21.05 -3.55
CA LYS C 81 11.50 -20.43 -2.76
C LYS C 81 12.86 -20.66 -3.41
N ILE C 82 13.12 -21.88 -3.87
CA ILE C 82 14.43 -22.22 -4.42
C ILE C 82 14.68 -21.49 -5.74
N PHE C 83 13.71 -21.54 -6.65
CA PHE C 83 13.90 -21.00 -7.99
C PHE C 83 13.61 -19.51 -8.09
N HIS C 84 13.23 -18.87 -6.99
CA HIS C 84 13.03 -17.42 -6.93
C HIS C 84 11.98 -16.95 -7.94
N LEU C 85 10.81 -17.57 -7.88
CA LEU C 85 9.71 -17.16 -8.74
C LEU C 85 9.10 -15.86 -8.21
N SER C 86 8.50 -15.10 -9.12
CA SER C 86 7.83 -13.86 -8.74
C SER C 86 6.55 -14.18 -7.96
N ASN C 87 5.90 -13.13 -7.46
CA ASN C 87 4.72 -13.32 -6.63
C ASN C 87 3.60 -14.02 -7.41
N ILE C 88 3.35 -13.57 -8.64
CA ILE C 88 2.28 -14.17 -9.44
C ILE C 88 2.65 -15.60 -9.83
N GLU C 89 3.91 -15.83 -10.21
CA GLU C 89 4.34 -17.18 -10.58
C GLU C 89 4.31 -18.13 -9.38
N ALA C 90 4.75 -17.64 -8.22
CA ALA C 90 4.70 -18.46 -7.01
C ALA C 90 3.26 -18.79 -6.65
N LEU C 91 2.36 -17.81 -6.75
CA LEU C 91 0.95 -18.07 -6.47
C LEU C 91 0.39 -19.10 -7.45
N ALA C 92 0.74 -18.98 -8.73
CA ALA C 92 0.23 -19.92 -9.73
C ALA C 92 0.71 -21.34 -9.44
N ILE C 93 2.00 -21.50 -9.15
CA ILE C 93 2.51 -22.85 -8.90
C ILE C 93 1.96 -23.40 -7.59
N LEU C 94 1.75 -22.55 -6.59
CA LEU C 94 1.14 -23.00 -5.35
C LEU C 94 -0.29 -23.48 -5.57
N ILE C 95 -1.06 -22.72 -6.36
CA ILE C 95 -2.44 -23.11 -6.65
C ILE C 95 -2.47 -24.42 -7.43
N CYS C 96 -1.56 -24.57 -8.40
CA CYS C 96 -1.49 -25.81 -9.16
C CYS C 96 -1.12 -26.99 -8.25
N GLY C 97 -0.20 -26.77 -7.31
CA GLY C 97 0.19 -27.85 -6.41
C GLY C 97 -0.94 -28.31 -5.51
N CYS C 98 -1.66 -27.36 -4.91
CA CYS C 98 -2.75 -27.70 -3.99
C CYS C 98 -4.07 -27.87 -4.74
N SER C 99 -4.04 -28.70 -5.78
CA SER C 99 -5.22 -28.93 -6.60
C SER C 99 -5.58 -30.40 -6.62
N PRO C 100 -6.87 -30.74 -6.64
CA PRO C 100 -7.25 -32.15 -6.74
C PRO C 100 -6.82 -32.75 -8.06
N GLY C 101 -6.58 -34.06 -8.04
CA GLY C 101 -6.16 -34.77 -9.24
C GLY C 101 -7.14 -34.59 -10.39
N GLY C 102 -6.62 -34.20 -11.55
CA GLY C 102 -7.49 -33.93 -12.68
C GLY C 102 -8.11 -35.18 -13.24
N ASN C 103 -9.11 -34.98 -14.09
CA ASN C 103 -9.77 -36.10 -14.76
C ASN C 103 -8.78 -36.81 -15.68
N LEU C 104 -7.82 -36.08 -16.24
CA LEU C 104 -6.85 -36.70 -17.12
C LEU C 104 -6.01 -37.74 -16.37
N SER C 105 -5.86 -37.59 -15.05
CA SER C 105 -5.20 -38.64 -14.27
C SER C 105 -5.99 -39.94 -14.31
N ASN C 106 -7.31 -39.86 -14.15
CA ASN C 106 -8.16 -41.03 -14.32
C ASN C 106 -8.08 -41.56 -15.75
N LEU C 107 -7.97 -40.64 -16.72
CA LEU C 107 -7.87 -41.03 -18.11
C LEU C 107 -6.61 -41.86 -18.37
N PHE C 108 -5.49 -41.45 -17.80
CA PHE C 108 -4.20 -42.07 -18.08
C PHE C 108 -3.86 -43.22 -17.14
N THR C 109 -4.53 -43.34 -15.99
CA THR C 109 -4.23 -44.46 -15.09
C THR C 109 -4.75 -45.79 -15.62
N LEU C 110 -5.53 -45.78 -16.70
CA LEU C 110 -5.92 -47.03 -17.34
C LEU C 110 -4.72 -47.74 -17.95
N ALA C 111 -3.75 -46.98 -18.46
CA ALA C 111 -2.55 -47.60 -19.02
C ALA C 111 -1.76 -48.33 -17.95
N MET C 112 -1.67 -47.76 -16.76
CA MET C 112 -1.07 -48.46 -15.61
C MET C 112 -1.92 -49.62 -15.14
N LYS C 113 -3.16 -49.74 -15.62
CA LYS C 113 -4.09 -50.83 -15.32
C LYS C 113 -4.08 -51.21 -13.83
N GLY C 114 -3.97 -50.22 -12.96
CA GLY C 114 -3.85 -50.50 -11.54
C GLY C 114 -5.01 -50.05 -10.69
N ASP C 115 -5.78 -51.03 -10.18
CA ASP C 115 -6.88 -50.79 -9.24
C ASP C 115 -7.76 -49.63 -9.68
N MET C 116 -8.37 -49.80 -10.85
CA MET C 116 -9.11 -48.71 -11.47
C MET C 116 -10.36 -48.35 -10.65
N ASN C 117 -10.93 -49.31 -9.93
CA ASN C 117 -12.11 -49.03 -9.12
C ASN C 117 -11.80 -48.06 -7.99
N LEU C 118 -10.57 -48.10 -7.47
CA LEU C 118 -10.18 -47.16 -6.43
C LEU C 118 -10.17 -45.71 -6.93
N SER C 119 -9.98 -45.50 -8.23
CA SER C 119 -9.86 -44.14 -8.76
C SER C 119 -11.16 -43.36 -8.61
N ILE C 120 -12.30 -44.04 -8.59
CA ILE C 120 -13.58 -43.33 -8.43
C ILE C 120 -13.64 -42.66 -7.07
N VAL C 121 -13.49 -43.44 -6.00
CA VAL C 121 -13.49 -42.86 -4.67
C VAL C 121 -12.31 -41.93 -4.49
N MET C 122 -11.21 -42.17 -5.22
CA MET C 122 -10.08 -41.25 -5.16
C MET C 122 -10.46 -39.87 -5.65
N THR C 123 -11.06 -39.79 -6.83
CA THR C 123 -11.49 -38.50 -7.37
C THR C 123 -12.55 -37.87 -6.48
N THR C 124 -13.50 -38.67 -5.99
CA THR C 124 -14.56 -38.14 -5.14
C THR C 124 -14.00 -37.54 -3.86
N CYS C 125 -13.13 -38.28 -3.17
CA CYS C 125 -12.54 -37.80 -1.93
C CYS C 125 -11.62 -36.62 -2.16
N SER C 126 -10.87 -36.62 -3.27
CA SER C 126 -10.01 -35.49 -3.59
C SER C 126 -10.85 -34.23 -3.80
N SER C 127 -11.95 -34.34 -4.55
CA SER C 127 -12.81 -33.18 -4.76
C SER C 127 -13.43 -32.71 -3.46
N PHE C 128 -13.93 -33.63 -2.64
CA PHE C 128 -14.54 -33.26 -1.37
C PHE C 128 -13.54 -32.57 -0.44
N SER C 129 -12.32 -33.12 -0.35
CA SER C 129 -11.31 -32.52 0.51
C SER C 129 -10.86 -31.16 -0.01
N ALA C 130 -10.69 -31.04 -1.33
CA ALA C 130 -10.29 -29.76 -1.91
C ALA C 130 -11.35 -28.70 -1.65
N LEU C 131 -12.62 -29.07 -1.79
CA LEU C 131 -13.73 -28.12 -1.62
C LEU C 131 -13.64 -27.39 -0.29
N GLY C 132 -13.25 -28.09 0.77
CA GLY C 132 -13.21 -27.47 2.09
C GLY C 132 -11.81 -27.13 2.57
N MET C 133 -10.78 -27.54 1.83
CA MET C 133 -9.42 -27.34 2.29
C MET C 133 -8.64 -26.32 1.48
N MET C 134 -9.00 -26.09 0.22
CA MET C 134 -8.27 -25.12 -0.60
C MET C 134 -8.20 -23.73 0.03
N PRO C 135 -9.26 -23.16 0.61
CA PRO C 135 -9.09 -21.85 1.26
C PRO C 135 -8.05 -21.86 2.38
N LEU C 136 -8.18 -22.78 3.33
CA LEU C 136 -7.25 -22.81 4.47
C LEU C 136 -5.85 -23.17 4.01
N LEU C 137 -5.71 -24.21 3.18
CA LEU C 137 -4.41 -24.66 2.74
C LEU C 137 -3.72 -23.66 1.82
N LEU C 138 -4.49 -22.78 1.17
CA LEU C 138 -3.92 -21.71 0.36
C LEU C 138 -3.63 -20.46 1.17
N TYR C 139 -4.38 -20.23 2.25
CA TYR C 139 -4.10 -19.09 3.13
C TYR C 139 -2.88 -19.34 4.00
N VAL C 140 -2.67 -20.59 4.43
CA VAL C 140 -1.54 -20.87 5.32
C VAL C 140 -0.21 -20.67 4.60
N TYR C 141 -0.15 -20.98 3.30
CA TYR C 141 1.09 -20.87 2.53
C TYR C 141 1.20 -19.57 1.76
N SER C 142 0.30 -18.62 1.99
CA SER C 142 0.31 -17.34 1.28
C SER C 142 1.02 -16.25 2.08
N LYS C 143 2.00 -16.61 2.90
CA LYS C 143 2.75 -15.62 3.66
C LYS C 143 3.70 -14.89 2.71
N GLY C 144 3.46 -13.59 2.53
CA GLY C 144 4.23 -12.79 1.60
C GLY C 144 3.75 -12.82 0.17
N ILE C 145 2.72 -13.62 -0.13
CA ILE C 145 2.15 -13.71 -1.47
C ILE C 145 0.65 -13.48 -1.35
N TYR C 146 0.16 -12.43 -2.02
CA TYR C 146 -1.27 -12.10 -2.06
C TYR C 146 -1.83 -11.91 -0.65
N ASP C 147 -1.37 -10.81 -0.03
CA ASP C 147 -1.80 -10.44 1.32
C ASP C 147 -3.31 -10.43 1.49
N GLY C 148 -4.07 -10.37 0.40
CA GLY C 148 -5.52 -10.39 0.49
C GLY C 148 -6.05 -11.72 1.02
N ASP C 149 -7.36 -11.72 1.29
CA ASP C 149 -7.99 -12.89 1.88
C ASP C 149 -7.91 -14.10 0.96
N LEU C 150 -8.35 -13.94 -0.29
CA LEU C 150 -8.30 -14.94 -1.35
C LEU C 150 -9.20 -16.14 -1.04
N LYS C 151 -9.90 -16.14 0.10
CA LYS C 151 -10.73 -17.29 0.47
C LYS C 151 -11.91 -17.44 -0.49
N ASP C 152 -12.53 -16.34 -0.88
CA ASP C 152 -13.75 -16.37 -1.68
C ASP C 152 -13.49 -16.39 -3.18
N LYS C 153 -12.23 -16.33 -3.61
CA LYS C 153 -11.92 -16.29 -5.03
C LYS C 153 -11.71 -17.68 -5.63
N VAL C 154 -11.67 -18.73 -4.82
CA VAL C 154 -11.55 -20.10 -5.32
C VAL C 154 -12.91 -20.55 -5.86
N PRO C 155 -12.96 -21.13 -7.05
CA PRO C 155 -14.25 -21.55 -7.61
C PRO C 155 -14.71 -22.88 -7.03
N TYR C 156 -15.91 -22.90 -6.47
CA TYR C 156 -16.52 -24.12 -5.95
C TYR C 156 -17.45 -24.75 -6.97
N LYS C 157 -18.19 -23.91 -7.72
CA LYS C 157 -19.11 -24.42 -8.72
C LYS C 157 -18.37 -25.17 -9.82
N GLY C 158 -17.19 -24.67 -10.21
CA GLY C 158 -16.39 -25.40 -11.18
C GLY C 158 -15.95 -26.76 -10.67
N ILE C 159 -15.57 -26.83 -9.40
CA ILE C 159 -15.19 -28.12 -8.81
C ILE C 159 -16.37 -29.08 -8.82
N MET C 160 -17.56 -28.59 -8.44
CA MET C 160 -18.74 -29.45 -8.46
C MET C 160 -19.09 -29.90 -9.88
N ILE C 161 -18.96 -29.01 -10.85
CA ILE C 161 -19.24 -29.36 -12.23
C ILE C 161 -18.29 -30.44 -12.72
N SER C 162 -16.99 -30.28 -12.43
CA SER C 162 -16.03 -31.31 -12.79
C SER C 162 -16.36 -32.63 -12.09
N LEU C 163 -16.76 -32.56 -10.83
CA LEU C 163 -17.10 -33.76 -10.07
C LEU C 163 -18.27 -34.50 -10.72
N VAL C 164 -19.33 -33.78 -11.08
CA VAL C 164 -20.51 -34.44 -11.65
C VAL C 164 -20.20 -34.97 -13.04
N ILE C 165 -19.44 -34.24 -13.85
CA ILE C 165 -19.08 -34.75 -15.17
C ILE C 165 -18.19 -35.99 -15.05
N VAL C 166 -17.38 -36.08 -14.00
CA VAL C 166 -16.59 -37.29 -13.80
C VAL C 166 -17.48 -38.45 -13.37
N LEU C 167 -18.45 -38.19 -12.48
CA LEU C 167 -19.16 -39.29 -11.82
C LEU C 167 -20.33 -39.81 -12.64
N ILE C 168 -21.18 -38.92 -13.17
CA ILE C 168 -22.43 -39.38 -13.79
C ILE C 168 -22.18 -40.32 -14.97
N PRO C 169 -21.35 -39.98 -15.96
CA PRO C 169 -21.04 -40.97 -17.01
C PRO C 169 -20.36 -42.21 -16.47
N CYS C 170 -19.55 -42.08 -15.42
CA CYS C 170 -18.96 -43.25 -14.79
C CYS C 170 -20.03 -44.18 -14.22
N THR C 171 -21.03 -43.61 -13.55
CA THR C 171 -22.12 -44.42 -13.03
C THR C 171 -22.92 -45.07 -14.16
N ILE C 172 -23.16 -44.32 -15.24
CA ILE C 172 -23.88 -44.89 -16.38
C ILE C 172 -23.12 -46.06 -16.97
N GLY C 173 -21.80 -45.92 -17.12
CA GLY C 173 -20.99 -47.00 -17.64
C GLY C 173 -20.96 -48.21 -16.72
N ILE C 174 -20.90 -47.96 -15.41
CA ILE C 174 -20.91 -49.06 -14.45
C ILE C 174 -22.23 -49.83 -14.54
N VAL C 175 -23.35 -49.11 -14.61
CA VAL C 175 -24.65 -49.77 -14.74
C VAL C 175 -24.72 -50.55 -16.05
N LEU C 176 -24.22 -49.97 -17.14
CA LEU C 176 -24.26 -50.65 -18.42
C LEU C 176 -23.44 -51.93 -18.39
N LYS C 177 -22.25 -51.89 -17.77
CA LYS C 177 -21.44 -53.09 -17.66
C LYS C 177 -22.12 -54.14 -16.79
N SER C 178 -22.74 -53.71 -15.68
CA SER C 178 -23.40 -54.66 -14.79
C SER C 178 -24.63 -55.29 -15.44
N LYS C 179 -25.29 -54.57 -16.35
CA LYS C 179 -26.52 -55.06 -16.96
C LYS C 179 -26.26 -55.92 -18.19
N ARG C 180 -25.56 -55.37 -19.18
CA ARG C 180 -25.33 -56.04 -20.46
C ARG C 180 -23.84 -56.04 -20.76
N PRO C 181 -23.08 -56.97 -20.17
CA PRO C 181 -21.64 -57.04 -20.47
C PRO C 181 -21.35 -57.33 -21.93
N HIS C 182 -22.24 -58.04 -22.63
CA HIS C 182 -21.98 -58.38 -24.03
C HIS C 182 -21.86 -57.14 -24.90
N TYR C 183 -22.54 -56.06 -24.53
CA TYR C 183 -22.46 -54.80 -25.27
C TYR C 183 -21.22 -53.99 -24.91
N VAL C 184 -20.49 -54.40 -23.87
CA VAL C 184 -19.30 -53.64 -23.44
C VAL C 184 -18.23 -53.58 -24.53
N PRO C 185 -17.78 -54.68 -25.13
CA PRO C 185 -16.67 -54.57 -26.09
C PRO C 185 -16.97 -53.70 -27.30
N TYR C 186 -18.22 -53.68 -27.77
CA TYR C 186 -18.55 -52.91 -28.97
C TYR C 186 -18.52 -51.41 -28.69
N ILE C 187 -19.13 -50.99 -27.58
CA ILE C 187 -19.17 -49.56 -27.27
C ILE C 187 -17.80 -49.06 -26.85
N LEU C 188 -16.99 -49.91 -26.21
CA LEU C 188 -15.70 -49.46 -25.69
C LEU C 188 -14.69 -49.24 -26.81
N LYS C 189 -14.36 -50.31 -27.55
CA LYS C 189 -13.30 -50.22 -28.55
C LYS C 189 -13.59 -49.14 -29.58
N GLY C 190 -14.80 -49.14 -30.14
CA GLY C 190 -15.18 -48.09 -31.06
C GLY C 190 -15.08 -46.71 -30.42
N GLY C 191 -15.51 -46.61 -29.16
CA GLY C 191 -15.34 -45.35 -28.44
C GLY C 191 -13.88 -44.95 -28.33
N MET C 192 -12.99 -45.93 -28.12
CA MET C 192 -11.57 -45.63 -28.09
C MET C 192 -11.10 -45.03 -29.41
N ILE C 193 -11.74 -45.39 -30.52
CA ILE C 193 -11.45 -44.74 -31.79
C ILE C 193 -11.99 -43.32 -31.78
N ILE C 194 -13.22 -43.13 -31.31
CA ILE C 194 -13.87 -41.82 -31.37
C ILE C 194 -13.08 -40.80 -30.56
N THR C 195 -12.63 -41.18 -29.37
CA THR C 195 -11.83 -40.27 -28.56
C THR C 195 -10.42 -40.07 -29.11
N PHE C 196 -9.96 -40.94 -30.00
CA PHE C 196 -8.60 -40.83 -30.51
C PHE C 196 -8.51 -39.82 -31.66
N LEU C 197 -9.21 -40.10 -32.77
CA LEU C 197 -9.09 -39.25 -33.95
C LEU C 197 -9.59 -37.85 -33.66
N LEU C 198 -10.70 -37.72 -32.91
CA LEU C 198 -11.21 -36.41 -32.56
C LEU C 198 -10.17 -35.61 -31.79
N SER C 199 -9.27 -36.29 -31.07
CA SER C 199 -8.19 -35.59 -30.40
C SER C 199 -7.37 -34.77 -31.38
N VAL C 200 -6.99 -35.38 -32.51
CA VAL C 200 -6.32 -34.62 -33.57
C VAL C 200 -7.20 -33.47 -34.00
N ALA C 201 -8.50 -33.74 -34.17
CA ALA C 201 -9.44 -32.71 -34.61
C ALA C 201 -9.46 -31.51 -33.65
N VAL C 202 -9.07 -31.72 -32.40
CA VAL C 202 -8.95 -30.60 -31.47
C VAL C 202 -7.49 -30.23 -31.22
N THR C 203 -6.55 -31.15 -31.44
CA THR C 203 -5.15 -30.85 -31.15
C THR C 203 -4.66 -29.69 -32.00
N ALA C 204 -4.85 -29.77 -33.32
CA ALA C 204 -4.53 -28.65 -34.18
C ALA C 204 -5.35 -27.42 -33.82
N LEU C 205 -6.58 -27.63 -33.33
CA LEU C 205 -7.39 -26.51 -32.88
C LEU C 205 -6.70 -25.73 -31.77
N SER C 206 -5.88 -26.40 -30.96
CA SER C 206 -5.09 -25.68 -29.97
C SER C 206 -3.98 -24.88 -30.63
N VAL C 207 -3.33 -25.44 -31.66
CA VAL C 207 -2.17 -24.81 -32.27
C VAL C 207 -2.55 -23.46 -32.87
N ILE C 208 -3.68 -23.41 -33.58
CA ILE C 208 -4.14 -22.13 -34.11
C ILE C 208 -4.57 -21.20 -32.98
N ASN C 209 -5.10 -21.74 -31.88
CA ASN C 209 -5.57 -20.89 -30.81
C ASN C 209 -4.42 -20.31 -30.00
N VAL C 210 -3.40 -21.12 -29.71
CA VAL C 210 -2.29 -20.63 -28.91
C VAL C 210 -1.47 -19.60 -29.67
N GLY C 211 -1.33 -19.77 -30.98
CA GLY C 211 -0.50 -18.85 -31.75
C GLY C 211 0.97 -19.01 -31.41
N ASN C 212 1.64 -17.89 -31.23
CA ASN C 212 3.06 -17.87 -30.89
C ASN C 212 3.23 -17.51 -29.43
N SER C 213 3.92 -18.38 -28.68
CA SER C 213 4.18 -18.12 -27.26
C SER C 213 5.59 -18.53 -26.85
N ILE C 214 6.49 -18.72 -27.82
CA ILE C 214 7.85 -19.15 -27.50
C ILE C 214 8.59 -18.06 -26.72
N MET C 215 8.44 -16.81 -27.14
CA MET C 215 9.11 -15.70 -26.48
C MET C 215 8.32 -15.13 -25.30
N PHE C 216 7.15 -15.70 -25.00
CA PHE C 216 6.30 -15.19 -23.93
C PHE C 216 6.41 -16.00 -22.65
N VAL C 217 6.12 -17.31 -22.71
CA VAL C 217 5.92 -18.11 -21.51
C VAL C 217 7.16 -18.94 -21.19
N MET C 218 7.96 -19.25 -22.22
CA MET C 218 9.14 -20.08 -22.00
C MET C 218 10.21 -19.33 -21.25
N THR C 219 10.22 -19.48 -19.92
CA THR C 219 11.19 -18.87 -19.03
C THR C 219 11.93 -19.98 -18.28
N PRO C 220 13.26 -19.91 -18.17
CA PRO C 220 13.99 -21.02 -17.53
C PRO C 220 13.51 -21.37 -16.14
N HIS C 221 13.18 -20.37 -15.31
CA HIS C 221 12.65 -20.66 -13.99
C HIS C 221 11.28 -21.32 -14.08
N LEU C 222 10.39 -20.77 -14.90
CA LEU C 222 9.07 -21.36 -15.07
C LEU C 222 9.16 -22.75 -15.69
N LEU C 223 10.04 -22.92 -16.69
CA LEU C 223 10.21 -24.23 -17.30
C LEU C 223 10.73 -25.25 -16.29
N ALA C 224 11.70 -24.86 -15.48
CA ALA C 224 12.23 -25.77 -14.47
C ALA C 224 11.16 -26.15 -13.44
N THR C 225 10.38 -25.17 -12.99
CA THR C 225 9.34 -25.46 -12.02
C THR C 225 8.27 -26.38 -12.60
N SER C 226 7.85 -26.12 -13.84
CA SER C 226 6.85 -26.96 -14.48
C SER C 226 7.39 -28.35 -14.81
N SER C 227 8.70 -28.48 -15.00
CA SER C 227 9.28 -29.81 -15.17
C SER C 227 9.33 -30.56 -13.85
N LEU C 228 9.72 -29.89 -12.78
CA LEU C 228 9.96 -30.55 -11.50
C LEU C 228 8.71 -30.76 -10.67
N MET C 229 7.60 -30.08 -10.99
CA MET C 229 6.40 -30.24 -10.16
C MET C 229 5.73 -31.60 -10.38
N PRO C 230 5.27 -31.96 -11.59
CA PRO C 230 4.62 -33.27 -11.74
C PRO C 230 5.57 -34.44 -11.50
N PHE C 231 6.85 -34.31 -11.87
CA PHE C 231 7.79 -35.38 -11.61
C PHE C 231 7.96 -35.62 -10.12
N SER C 232 8.10 -34.55 -9.34
CA SER C 232 8.19 -34.69 -7.89
C SER C 232 6.90 -35.27 -7.33
N GLY C 233 5.75 -34.86 -7.87
CA GLY C 233 4.49 -35.44 -7.41
C GLY C 233 4.42 -36.93 -7.63
N PHE C 234 4.76 -37.36 -8.85
CA PHE C 234 4.77 -38.80 -9.16
C PHE C 234 5.72 -39.56 -8.24
N LEU C 235 6.95 -39.06 -8.12
CA LEU C 235 7.96 -39.77 -7.33
C LEU C 235 7.55 -39.84 -5.87
N MET C 236 7.09 -38.72 -5.30
CA MET C 236 6.74 -38.70 -3.89
C MET C 236 5.52 -39.58 -3.62
N GLY C 237 4.52 -39.55 -4.52
CA GLY C 237 3.38 -40.43 -4.34
C GLY C 237 3.77 -41.90 -4.37
N TYR C 238 4.62 -42.28 -5.34
CA TYR C 238 5.05 -43.67 -5.42
C TYR C 238 5.84 -44.08 -4.17
N ILE C 239 6.74 -43.21 -3.70
CA ILE C 239 7.53 -43.54 -2.52
C ILE C 239 6.64 -43.67 -1.29
N LEU C 240 5.71 -42.72 -1.12
CA LEU C 240 4.84 -42.75 0.05
C LEU C 240 3.96 -43.99 0.03
N SER C 241 3.51 -44.41 -1.16
CA SER C 241 2.78 -45.67 -1.25
C SER C 241 3.68 -46.86 -0.92
N ALA C 242 4.95 -46.79 -1.33
CA ALA C 242 5.88 -47.90 -1.07
C ALA C 242 6.13 -48.08 0.41
N LEU C 243 6.33 -47.00 1.15
CA LEU C 243 6.55 -47.14 2.59
C LEU C 243 5.31 -47.58 3.35
N PHE C 244 4.13 -47.51 2.73
CA PHE C 244 2.92 -47.98 3.39
C PHE C 244 2.57 -49.44 3.06
N GLN C 245 3.40 -50.12 2.26
CA GLN C 245 3.21 -51.52 1.91
C GLN C 245 1.84 -51.75 1.26
N LEU C 246 1.64 -51.11 0.12
CA LEU C 246 0.42 -51.24 -0.64
C LEU C 246 0.65 -52.11 -1.87
N ASN C 247 -0.45 -52.46 -2.53
CA ASN C 247 -0.37 -53.23 -3.76
C ASN C 247 0.36 -52.43 -4.83
N PRO C 248 1.18 -53.07 -5.67
CA PRO C 248 1.87 -52.31 -6.74
C PRO C 248 0.90 -51.57 -7.65
N SER C 249 -0.25 -52.17 -7.95
CA SER C 249 -1.28 -51.45 -8.69
C SER C 249 -1.78 -50.25 -7.90
N CYS C 250 -1.97 -50.41 -6.60
CA CYS C 250 -2.36 -49.29 -5.75
C CYS C 250 -1.29 -48.22 -5.76
N ARG C 251 -0.02 -48.60 -5.66
CA ARG C 251 1.05 -47.61 -5.69
C ARG C 251 1.05 -46.85 -7.01
N ARG C 252 0.87 -47.56 -8.13
CA ARG C 252 0.86 -46.91 -9.43
C ARG C 252 -0.29 -45.92 -9.55
N THR C 253 -1.50 -46.32 -9.10
CA THR C 253 -2.63 -45.42 -9.26
C THR C 253 -2.53 -44.23 -8.31
N ILE C 254 -2.02 -44.43 -7.10
CA ILE C 254 -1.82 -43.30 -6.19
C ILE C 254 -0.82 -42.31 -6.78
N SER C 255 0.30 -42.83 -7.32
CA SER C 255 1.30 -41.95 -7.91
C SER C 255 0.73 -41.19 -9.10
N MET C 256 0.01 -41.90 -9.99
CA MET C 256 -0.55 -41.26 -11.17
C MET C 256 -1.63 -40.25 -10.82
N GLU C 257 -2.31 -40.41 -9.69
CA GLU C 257 -3.32 -39.43 -9.31
C GLU C 257 -2.70 -38.23 -8.61
N THR C 258 -1.70 -38.45 -7.75
CA THR C 258 -1.10 -37.33 -7.04
C THR C 258 -0.18 -36.50 -7.94
N GLY C 259 0.39 -37.10 -8.97
CA GLY C 259 1.25 -36.34 -9.86
C GLY C 259 0.49 -35.34 -10.69
N PHE C 260 -0.69 -35.71 -11.17
CA PHE C 260 -1.47 -34.83 -12.04
C PHE C 260 -2.12 -33.71 -11.23
N ALA C 261 -2.42 -32.61 -11.91
CA ALA C 261 -3.07 -31.46 -11.29
C ALA C 261 -4.06 -30.87 -12.29
N ASN C 262 -5.03 -30.14 -11.76
CA ASN C 262 -6.06 -29.48 -12.56
C ASN C 262 -5.62 -28.05 -12.83
N ILE C 263 -5.44 -27.70 -14.10
CA ILE C 263 -5.00 -26.36 -14.48
C ILE C 263 -6.18 -25.41 -14.70
N GLN C 264 -7.39 -25.94 -14.91
CA GLN C 264 -8.55 -25.08 -15.11
C GLN C 264 -8.83 -24.23 -13.88
N LEU C 265 -8.73 -24.82 -12.69
CA LEU C 265 -8.96 -24.06 -11.47
C LEU C 265 -7.97 -22.92 -11.34
N CYS C 266 -6.69 -23.18 -11.61
CA CYS C 266 -5.69 -22.13 -11.55
C CYS C 266 -5.97 -21.05 -12.58
N SER C 267 -6.37 -21.44 -13.79
CA SER C 267 -6.67 -20.46 -14.83
C SER C 267 -7.81 -19.55 -14.41
N THR C 268 -8.91 -20.13 -13.92
CA THR C 268 -10.06 -19.32 -13.52
C THR C 268 -9.73 -18.42 -12.34
N ILE C 269 -9.01 -18.95 -11.34
CA ILE C 269 -8.72 -18.12 -10.17
C ILE C 269 -7.79 -16.98 -10.54
N LEU C 270 -6.79 -17.24 -11.40
CA LEU C 270 -5.90 -16.16 -11.84
C LEU C 270 -6.64 -15.13 -12.67
N ASN C 271 -7.56 -15.58 -13.52
CA ASN C 271 -8.32 -14.65 -14.35
C ASN C 271 -9.23 -13.77 -13.50
N VAL C 272 -9.85 -14.35 -12.46
CA VAL C 272 -10.79 -13.58 -11.65
C VAL C 272 -10.09 -12.70 -10.63
N THR C 273 -8.87 -13.06 -10.21
CA THR C 273 -8.20 -12.29 -9.17
C THR C 273 -7.24 -11.23 -9.71
N PHE C 274 -6.82 -11.31 -10.96
CA PHE C 274 -5.93 -10.30 -11.53
C PHE C 274 -6.34 -10.00 -12.97
N PRO C 275 -6.12 -8.76 -13.42
CA PRO C 275 -6.45 -8.40 -14.80
C PRO C 275 -5.49 -9.06 -15.78
N PRO C 276 -5.90 -9.23 -17.04
CA PRO C 276 -4.99 -9.86 -18.02
C PRO C 276 -3.70 -9.08 -18.26
N GLU C 277 -3.70 -7.77 -18.03
CA GLU C 277 -2.49 -6.99 -18.23
C GLU C 277 -1.40 -7.41 -17.24
N VAL C 278 -1.78 -7.65 -15.99
CA VAL C 278 -0.80 -8.07 -14.99
C VAL C 278 -0.25 -9.44 -15.32
N ILE C 279 -1.12 -10.38 -15.69
CA ILE C 279 -0.69 -11.75 -16.03
C ILE C 279 -0.41 -11.75 -17.53
N GLY C 280 0.80 -11.33 -17.87
CA GLY C 280 1.21 -11.29 -19.26
C GLY C 280 1.60 -12.65 -19.81
N PRO C 281 2.67 -13.24 -19.27
CA PRO C 281 3.06 -14.60 -19.68
C PRO C 281 2.42 -15.71 -18.88
N LEU C 282 1.79 -15.39 -17.74
CA LEU C 282 1.16 -16.41 -16.91
C LEU C 282 -0.16 -16.91 -17.49
N PHE C 283 -0.67 -16.25 -18.55
CA PHE C 283 -1.90 -16.73 -19.17
C PHE C 283 -1.72 -18.11 -19.79
N PHE C 284 -0.58 -18.34 -20.44
CA PHE C 284 -0.29 -19.63 -21.06
C PHE C 284 0.49 -20.57 -20.15
N PHE C 285 0.78 -20.15 -18.92
CA PHE C 285 1.48 -21.04 -17.98
C PHE C 285 0.71 -22.32 -17.68
N PRO C 286 -0.62 -22.29 -17.42
CA PRO C 286 -1.33 -23.56 -17.25
C PRO C 286 -1.24 -24.46 -18.47
N LEU C 287 -1.27 -23.89 -19.67
CA LEU C 287 -1.11 -24.70 -20.88
C LEU C 287 0.27 -25.35 -20.92
N LEU C 288 1.31 -24.60 -20.55
CA LEU C 288 2.65 -25.16 -20.51
C LEU C 288 2.75 -26.29 -19.49
N TYR C 289 2.15 -26.09 -18.32
CA TYR C 289 2.16 -27.14 -17.30
C TYR C 289 1.42 -28.38 -17.79
N MET C 290 0.29 -28.17 -18.49
CA MET C 290 -0.44 -29.30 -19.06
C MET C 290 0.40 -30.05 -20.08
N ILE C 291 1.08 -29.33 -20.98
CA ILE C 291 1.91 -29.98 -21.97
C ILE C 291 3.03 -30.77 -21.30
N PHE C 292 3.65 -30.19 -20.28
CA PHE C 292 4.74 -30.89 -19.59
C PHE C 292 4.25 -32.13 -18.87
N GLN C 293 3.08 -32.06 -18.22
CA GLN C 293 2.58 -33.24 -17.54
C GLN C 293 2.13 -34.31 -18.53
N LEU C 294 1.61 -33.91 -19.70
CA LEU C 294 1.35 -34.87 -20.77
C LEU C 294 2.64 -35.58 -21.19
N ALA C 295 3.71 -34.81 -21.36
CA ALA C 295 4.99 -35.40 -21.78
C ALA C 295 5.49 -36.39 -20.75
N GLU C 296 5.48 -36.01 -19.47
CA GLU C 296 5.97 -36.91 -18.42
C GLU C 296 5.08 -38.14 -18.28
N GLY C 297 3.76 -37.97 -18.40
CA GLY C 297 2.87 -39.11 -18.34
C GLY C 297 3.11 -40.09 -19.48
N LEU C 298 3.25 -39.57 -20.70
CA LEU C 298 3.55 -40.44 -21.83
C LEU C 298 4.87 -41.16 -21.63
N LEU C 299 5.89 -40.45 -21.14
CA LEU C 299 7.19 -41.07 -20.92
C LEU C 299 7.09 -42.19 -19.90
N ILE C 300 6.39 -41.96 -18.78
CA ILE C 300 6.31 -42.99 -17.76
C ILE C 300 5.47 -44.17 -18.26
N ILE C 301 4.44 -43.93 -19.08
CA ILE C 301 3.69 -45.03 -19.65
C ILE C 301 4.58 -45.88 -20.54
N ILE C 302 5.40 -45.25 -21.39
CA ILE C 302 6.29 -46.01 -22.25
C ILE C 302 7.30 -46.81 -21.42
N ILE C 303 7.86 -46.19 -20.37
CA ILE C 303 8.83 -46.90 -19.55
C ILE C 303 8.19 -48.11 -18.85
N PHE C 304 6.99 -47.93 -18.30
CA PHE C 304 6.31 -49.03 -17.63
C PHE C 304 5.96 -50.14 -18.62
N ARG C 305 5.50 -49.77 -19.82
CA ARG C 305 5.16 -50.78 -20.81
C ARG C 305 6.39 -51.55 -21.26
N CYS C 306 7.53 -50.86 -21.43
CA CYS C 306 8.76 -51.56 -21.78
C CYS C 306 9.21 -52.49 -20.66
N TYR C 307 9.10 -52.04 -19.41
CA TYR C 307 9.49 -52.88 -18.28
C TYR C 307 8.60 -54.11 -18.17
N GLU C 308 7.32 -53.96 -18.49
CA GLU C 308 6.44 -55.13 -18.53
C GLU C 308 6.76 -56.04 -19.71
N LYS C 309 7.14 -55.46 -20.85
CA LYS C 309 7.43 -56.26 -22.03
C LYS C 309 8.69 -57.10 -21.84
N ILE C 310 9.73 -56.52 -21.26
CA ILE C 310 10.99 -57.27 -21.08
C ILE C 310 10.79 -58.44 -20.13
N LYS C 311 9.83 -58.35 -19.22
CA LYS C 311 9.50 -59.44 -18.30
C LYS C 311 8.00 -59.72 -18.37
N PRO C 312 7.55 -60.43 -19.42
CA PRO C 312 6.13 -60.72 -19.61
C PRO C 312 5.65 -61.90 -18.76
#